data_2NLI
#
_entry.id   2NLI
#
_cell.length_a   132.422
_cell.length_b   132.422
_cell.length_c   90.945
_cell.angle_alpha   90.00
_cell.angle_beta   90.00
_cell.angle_gamma   90.00
#
_symmetry.space_group_name_H-M   'I 4'
#
loop_
_entity.id
_entity.type
_entity.pdbx_description
1 polymer 'Lactate oxidase'
2 non-polymer 'FLAVIN MONONUCLEOTIDE'
3 non-polymer 'LACTIC ACID'
4 non-polymer 'HYDROGEN PEROXIDE'
5 water water
#
_entity_poly.entity_id   1
_entity_poly.type   'polypeptide(L)'
_entity_poly.pdbx_seq_one_letter_code
;EYNAPSEIKYIDVVNTYDLEEEASKVVPHGGFNYIAGASGDEWTKRANDRAWKHKLLYPRLAQDVEAPDTSTEILGHKIK
APFIMAPIAAHGLAHTTKEAGTARAVSEFGTIMSISAYSGATFEEISEGLNGGPRWFQIYMAKDDQQNRDILDEAKSDGA
TAIILTADSTVSGNRDRDVKNKFVYPFGMPIVQRYLRGTAEGMSLNNIYGASKQKISPRDIEEIAGHSGLPVFVKGIQHP
EDADMAIKRGASGIWVSNHGARQLYEAPGSFDTLPAIAERVNKRVPIVFDSGVRRGEHVAKALASGADVVALGRPVLFGL
ALGGWQGAYSVLDYFQKDLTRVMQLTGSQNVEDLKGLDLFDNPYGYEY
;
_entity_poly.pdbx_strand_id   A,B
#
loop_
_chem_comp.id
_chem_comp.type
_chem_comp.name
_chem_comp.formula
FMN non-polymer 'FLAVIN MONONUCLEOTIDE' 'C17 H21 N4 O9 P'
LAC non-polymer 'LACTIC ACID' 'C3 H6 O3'
PEO non-polymer 'HYDROGEN PEROXIDE' 'H2 O2'
#
# COMPACT_ATOMS: atom_id res chain seq x y z
N GLU A 1 7.11 -24.42 41.90
CA GLU A 1 5.90 -23.73 41.37
C GLU A 1 5.70 -24.07 39.89
N TYR A 2 6.65 -23.64 39.05
CA TYR A 2 6.63 -23.89 37.62
C TYR A 2 8.07 -23.97 37.17
N ASN A 3 8.47 -25.12 36.65
CA ASN A 3 9.88 -25.36 36.33
C ASN A 3 10.20 -25.10 34.86
N ALA A 4 10.22 -23.82 34.50
CA ALA A 4 10.57 -23.40 33.13
C ALA A 4 12.05 -23.66 32.80
N PRO A 5 12.37 -23.96 31.53
CA PRO A 5 13.77 -24.08 31.12
C PRO A 5 14.53 -22.78 31.42
N SER A 6 15.83 -22.87 31.67
CA SER A 6 16.62 -21.67 31.96
C SER A 6 17.93 -21.60 31.15
N GLU A 7 18.21 -22.65 30.38
CA GLU A 7 19.45 -22.70 29.62
C GLU A 7 19.48 -21.66 28.49
N ILE A 8 20.63 -21.03 28.30
CA ILE A 8 20.83 -20.08 27.20
C ILE A 8 21.88 -20.61 26.25
N LYS A 9 21.49 -20.79 24.99
CA LYS A 9 22.36 -21.35 23.97
C LYS A 9 21.78 -21.13 22.58
N TYR A 10 22.66 -21.02 21.60
CA TYR A 10 22.22 -21.02 20.22
C TYR A 10 21.78 -22.41 19.80
N ILE A 11 20.86 -22.48 18.85
CA ILE A 11 20.36 -23.76 18.37
C ILE A 11 20.45 -23.78 16.84
N ASP A 12 20.71 -24.97 16.30
CA ASP A 12 20.77 -25.11 14.85
C ASP A 12 19.35 -25.37 14.35
N VAL A 13 18.70 -24.31 13.87
CA VAL A 13 17.32 -24.42 13.41
C VAL A 13 17.32 -24.85 11.95
N VAL A 14 16.91 -26.09 11.71
CA VAL A 14 16.80 -26.65 10.38
C VAL A 14 15.39 -26.33 9.81
N ASN A 15 14.39 -26.46 10.67
CA ASN A 15 13.02 -25.99 10.38
C ASN A 15 12.31 -25.65 11.68
N THR A 16 11.22 -24.88 11.61
CA THR A 16 10.56 -24.45 12.84
C THR A 16 9.51 -25.43 13.37
N TYR A 17 9.11 -26.39 12.54
CA TYR A 17 8.08 -27.34 12.94
C TYR A 17 8.63 -28.25 14.03
N ASP A 18 9.87 -28.68 13.85
CA ASP A 18 10.51 -29.57 14.81
C ASP A 18 10.72 -28.92 16.17
N LEU A 19 10.75 -27.58 16.22
CA LEU A 19 10.94 -26.83 17.47
C LEU A 19 9.79 -27.07 18.44
N GLU A 20 8.59 -27.31 17.90
CA GLU A 20 7.43 -27.60 18.73
C GLU A 20 7.64 -28.88 19.54
N GLU A 21 7.89 -30.00 18.87
CA GLU A 21 8.13 -31.27 19.56
C GLU A 21 9.36 -31.22 20.46
N GLU A 22 10.42 -30.54 20.03
CA GLU A 22 11.61 -30.38 20.86
C GLU A 22 11.30 -29.59 22.14
N ALA A 23 10.55 -28.49 21.99
CA ALA A 23 10.15 -27.71 23.15
C ALA A 23 9.25 -28.50 24.11
N SER A 24 8.45 -29.43 23.58
CA SER A 24 7.54 -30.22 24.40
C SER A 24 8.30 -31.06 25.41
N LYS A 25 9.57 -31.33 25.10
CA LYS A 25 10.46 -32.12 25.96
C LYS A 25 11.02 -31.34 27.16
N VAL A 26 11.04 -30.02 27.06
CA VAL A 26 11.67 -29.18 28.11
C VAL A 26 10.68 -28.27 28.87
N VAL A 27 9.53 -28.00 28.24
CA VAL A 27 8.50 -27.15 28.83
C VAL A 27 7.46 -27.99 29.59
N PRO A 28 7.14 -27.61 30.85
CA PRO A 28 6.09 -28.31 31.59
C PRO A 28 4.82 -28.47 30.74
N HIS A 29 4.22 -29.67 30.80
CA HIS A 29 3.10 -30.05 29.95
C HIS A 29 1.99 -28.99 29.87
N GLY A 30 1.62 -28.43 31.02
CA GLY A 30 0.56 -27.42 31.12
C GLY A 30 0.88 -26.15 30.35
N GLY A 31 2.06 -25.60 30.60
CA GLY A 31 2.54 -24.41 29.88
C GLY A 31 2.73 -24.68 28.40
N PHE A 32 3.24 -25.86 28.06
CA PHE A 32 3.42 -26.23 26.66
C PHE A 32 2.10 -26.26 25.90
N ASN A 33 1.10 -26.93 26.49
CA ASN A 33 -0.23 -26.97 25.89
C ASN A 33 -0.86 -25.58 25.72
N TYR A 34 -0.62 -24.70 26.69
CA TYR A 34 -1.13 -23.33 26.60
C TYR A 34 -0.56 -22.65 25.36
N ILE A 35 0.75 -22.81 25.14
CA ILE A 35 1.42 -22.17 24.01
C ILE A 35 1.01 -22.83 22.69
N ALA A 36 1.04 -24.16 22.65
CA ALA A 36 0.89 -24.89 21.39
C ALA A 36 -0.54 -25.03 20.92
N GLY A 37 -1.49 -25.03 21.85
CA GLY A 37 -2.88 -25.36 21.56
C GLY A 37 -3.65 -24.28 20.86
N ALA A 38 -4.84 -24.64 20.39
CA ALA A 38 -5.70 -23.72 19.68
C ALA A 38 -7.15 -24.17 19.87
N SER A 39 -8.08 -23.40 19.32
CA SER A 39 -9.49 -23.64 19.58
C SER A 39 -10.01 -24.93 18.93
N GLY A 40 -11.11 -25.42 19.49
CA GLY A 40 -11.74 -26.63 18.96
C GLY A 40 -10.80 -27.80 18.90
N ASP A 41 -10.76 -28.47 17.75
CA ASP A 41 -9.86 -29.59 17.54
C ASP A 41 -8.63 -29.16 16.74
N GLU A 42 -8.39 -27.84 16.70
CA GLU A 42 -7.22 -27.25 16.04
C GLU A 42 -7.32 -27.21 14.50
N TRP A 43 -8.54 -27.45 13.98
CA TRP A 43 -8.70 -27.51 12.53
C TRP A 43 -8.30 -26.14 11.93
N THR A 44 -8.63 -25.05 12.60
CA THR A 44 -8.27 -23.73 12.04
C THR A 44 -6.76 -23.45 12.21
N LYS A 45 -6.12 -24.00 13.26
CA LYS A 45 -4.66 -23.92 13.33
C LYS A 45 -4.00 -24.65 12.15
N ARG A 46 -4.51 -25.85 11.85
CA ARG A 46 -4.06 -26.61 10.68
C ARG A 46 -4.35 -25.83 9.38
N ALA A 47 -5.49 -25.14 9.34
CA ALA A 47 -5.83 -24.29 8.18
C ALA A 47 -4.83 -23.14 8.00
N ASN A 48 -4.42 -22.52 9.11
CA ASN A 48 -3.39 -21.48 9.01
C ASN A 48 -2.13 -22.01 8.30
N ASP A 49 -1.77 -23.26 8.64
CA ASP A 49 -0.58 -23.91 8.06
C ASP A 49 -0.81 -24.34 6.60
N ARG A 50 -1.95 -24.96 6.34
CA ARG A 50 -2.19 -25.50 5.00
C ARG A 50 -2.48 -24.41 3.99
N ALA A 51 -2.91 -23.24 4.47
CA ALA A 51 -3.24 -22.13 3.56
C ALA A 51 -2.05 -21.74 2.68
N TRP A 52 -0.84 -21.92 3.18
CA TRP A 52 0.38 -21.57 2.44
C TRP A 52 0.51 -22.37 1.15
N LYS A 53 -0.12 -23.54 1.09
CA LYS A 53 -0.04 -24.38 -0.09
C LYS A 53 -1.06 -23.92 -1.17
N HIS A 54 -1.91 -22.94 -0.85
CA HIS A 54 -2.93 -22.46 -1.79
C HIS A 54 -2.38 -21.53 -2.86
N LYS A 55 -1.24 -20.90 -2.54
CA LYS A 55 -0.57 -19.99 -3.45
C LYS A 55 0.88 -20.38 -3.41
N LEU A 56 1.44 -20.76 -4.57
CA LEU A 56 2.78 -21.36 -4.63
C LEU A 56 3.76 -20.42 -5.31
N LEU A 57 5.02 -20.43 -4.88
CA LEU A 57 6.03 -19.56 -5.46
C LEU A 57 6.56 -20.10 -6.78
N TYR A 58 6.83 -19.20 -7.73
CA TYR A 58 7.56 -19.56 -8.93
C TYR A 58 9.03 -19.17 -8.80
N PRO A 59 9.93 -20.07 -9.25
CA PRO A 59 11.30 -19.61 -9.42
C PRO A 59 11.28 -18.65 -10.61
N ARG A 60 12.05 -17.57 -10.55
CA ARG A 60 12.10 -16.61 -11.65
C ARG A 60 13.53 -16.12 -11.88
N LEU A 61 13.82 -15.80 -13.14
CA LEU A 61 15.09 -15.20 -13.51
C LEU A 61 15.35 -13.89 -12.76
N ALA A 62 16.63 -13.66 -12.44
CA ALA A 62 17.05 -12.39 -11.83
C ALA A 62 17.06 -11.26 -12.83
N GLN A 63 16.94 -10.02 -12.33
CA GLN A 63 16.98 -8.83 -13.17
C GLN A 63 17.95 -7.77 -12.59
N ASP A 64 18.71 -8.16 -11.57
CA ASP A 64 19.61 -7.24 -10.87
C ASP A 64 20.85 -8.05 -10.52
N VAL A 65 22.00 -7.37 -10.40
CA VAL A 65 23.27 -8.05 -10.11
C VAL A 65 23.63 -8.12 -8.63
N GLU A 66 22.94 -7.37 -7.78
CA GLU A 66 23.34 -7.27 -6.38
C GLU A 66 22.90 -8.47 -5.51
N ALA A 67 23.61 -8.67 -4.40
CA ALA A 67 23.26 -9.71 -3.44
C ALA A 67 21.93 -9.35 -2.75
N PRO A 68 21.13 -10.35 -2.35
CA PRO A 68 19.85 -10.01 -1.72
C PRO A 68 20.00 -9.26 -0.39
N ASP A 69 19.05 -8.36 -0.15
CA ASP A 69 19.03 -7.51 1.02
C ASP A 69 17.64 -7.68 1.66
N THR A 70 17.58 -8.19 2.87
CA THR A 70 16.28 -8.46 3.51
C THR A 70 15.73 -7.26 4.30
N SER A 71 16.45 -6.14 4.32
CA SER A 71 16.04 -5.01 5.15
C SER A 71 14.76 -4.35 4.64
N THR A 72 14.00 -3.75 5.55
CA THR A 72 12.84 -2.96 5.17
C THR A 72 12.60 -1.89 6.22
N GLU A 73 11.58 -1.07 5.99
CA GLU A 73 11.23 -0.09 7.00
C GLU A 73 9.74 -0.06 7.21
N ILE A 74 9.34 0.14 8.47
CA ILE A 74 7.94 0.28 8.81
C ILE A 74 7.79 1.36 9.86
N LEU A 75 6.86 2.27 9.62
CA LEU A 75 6.67 3.46 10.45
C LEU A 75 8.00 4.19 10.65
N GLY A 76 8.83 4.18 9.61
CA GLY A 76 10.13 4.84 9.66
C GLY A 76 11.22 4.14 10.47
N HIS A 77 10.92 2.97 11.09
CA HIS A 77 11.95 2.14 11.75
C HIS A 77 12.59 1.27 10.65
N LYS A 78 13.89 1.41 10.40
CA LYS A 78 14.57 0.42 9.54
C LYS A 78 14.82 -0.87 10.32
N ILE A 79 14.42 -1.99 9.74
CA ILE A 79 14.55 -3.29 10.40
C ILE A 79 15.30 -4.27 9.49
N LYS A 80 15.93 -5.28 10.10
CA LYS A 80 16.86 -6.15 9.38
C LYS A 80 16.18 -7.13 8.39
N ALA A 81 14.92 -7.44 8.64
CA ALA A 81 14.16 -8.34 7.77
C ALA A 81 12.69 -7.99 7.96
N PRO A 82 11.82 -8.41 7.02
CA PRO A 82 10.42 -7.98 7.07
C PRO A 82 9.54 -8.81 8.00
N PHE A 83 10.02 -9.00 9.22
CA PHE A 83 9.23 -9.65 10.25
C PHE A 83 9.52 -8.99 11.58
N ILE A 84 8.49 -8.98 12.42
CA ILE A 84 8.56 -8.43 13.77
C ILE A 84 8.09 -9.49 14.75
N MET A 85 8.24 -9.24 16.05
CA MET A 85 7.74 -10.18 17.05
C MET A 85 6.28 -9.92 17.39
N ALA A 86 5.43 -10.94 17.31
CA ALA A 86 4.02 -10.80 17.70
C ALA A 86 3.88 -10.62 19.22
N PRO A 87 2.84 -9.91 19.68
CA PRO A 87 2.59 -9.83 21.12
C PRO A 87 2.07 -11.16 21.67
N ILE A 88 2.78 -11.71 22.64
CA ILE A 88 2.45 -13.02 23.20
C ILE A 88 2.56 -12.89 24.72
N ALA A 89 1.53 -13.35 25.44
CA ALA A 89 1.52 -13.29 26.90
C ALA A 89 2.48 -14.32 27.53
N ALA A 90 2.92 -14.04 28.75
CA ALA A 90 3.48 -15.07 29.63
C ALA A 90 4.63 -15.89 29.04
N HIS A 91 5.69 -15.20 28.60
CA HIS A 91 6.86 -15.90 28.05
C HIS A 91 7.54 -16.78 29.10
N GLY A 92 7.29 -16.48 30.37
CA GLY A 92 7.83 -17.30 31.49
C GLY A 92 7.39 -18.76 31.46
N LEU A 93 6.31 -19.04 30.71
CA LEU A 93 5.88 -20.42 30.51
C LEU A 93 6.89 -21.18 29.66
N ALA A 94 7.62 -20.44 28.82
CA ALA A 94 8.61 -21.03 27.95
C ALA A 94 10.02 -21.02 28.56
N HIS A 95 10.37 -19.95 29.27
CA HIS A 95 11.75 -19.76 29.74
C HIS A 95 11.83 -18.81 30.92
N THR A 96 12.75 -19.07 31.85
CA THR A 96 12.87 -18.24 33.05
C THR A 96 13.19 -16.77 32.76
N THR A 97 13.87 -16.50 31.64
CA THR A 97 14.23 -15.13 31.27
C THR A 97 13.04 -14.43 30.62
N LYS A 98 11.99 -15.22 30.35
CA LYS A 98 10.68 -14.70 29.90
C LYS A 98 10.78 -13.59 28.83
N GLU A 99 9.98 -12.53 28.94
CA GLU A 99 9.95 -11.48 27.91
C GLU A 99 11.27 -10.72 27.73
N ALA A 100 12.07 -10.62 28.80
CA ALA A 100 13.40 -10.03 28.69
C ALA A 100 14.28 -10.82 27.71
N GLY A 101 14.17 -12.14 27.75
CA GLY A 101 14.91 -13.01 26.83
C GLY A 101 14.50 -12.80 25.38
N THR A 102 13.19 -12.81 25.13
CA THR A 102 12.67 -12.53 23.79
C THR A 102 13.10 -11.15 23.28
N ALA A 103 12.97 -10.14 24.14
CA ALA A 103 13.33 -8.77 23.78
C ALA A 103 14.81 -8.65 23.43
N ARG A 104 15.65 -9.36 24.16
CA ARG A 104 17.07 -9.37 23.81
C ARG A 104 17.34 -9.94 22.42
N ALA A 105 16.66 -11.04 22.09
CA ALA A 105 16.84 -11.71 20.79
C ALA A 105 16.38 -10.77 19.69
N VAL A 106 15.22 -10.18 19.92
CA VAL A 106 14.62 -9.27 18.93
C VAL A 106 15.45 -8.01 18.70
N SER A 107 15.91 -7.40 19.79
CA SER A 107 16.71 -6.19 19.71
C SER A 107 18.08 -6.48 19.08
N GLU A 108 18.73 -7.57 19.51
CA GLU A 108 20.03 -7.97 18.94
C GLU A 108 19.91 -8.28 17.44
N PHE A 109 18.83 -8.96 17.05
CA PHE A 109 18.57 -9.27 15.64
C PHE A 109 18.34 -8.01 14.83
N GLY A 110 17.62 -7.04 15.39
CA GLY A 110 17.37 -5.78 14.69
C GLY A 110 15.97 -5.68 14.13
N THR A 111 14.99 -6.10 14.93
CA THR A 111 13.59 -5.84 14.57
C THR A 111 12.78 -5.31 15.75
N ILE A 112 11.46 -5.27 15.59
CA ILE A 112 10.56 -4.62 16.54
C ILE A 112 9.97 -5.65 17.51
N MET A 113 9.96 -5.30 18.79
CA MET A 113 9.38 -6.13 19.83
C MET A 113 7.95 -5.66 20.15
N SER A 114 7.01 -6.60 20.15
CA SER A 114 5.64 -6.30 20.56
C SER A 114 5.46 -6.81 21.98
N ILE A 115 5.00 -5.92 22.87
CA ILE A 115 4.83 -6.24 24.28
C ILE A 115 3.36 -6.45 24.58
N SER A 116 3.04 -7.68 24.98
CA SER A 116 1.70 -8.05 25.41
C SER A 116 1.33 -7.35 26.71
N ALA A 117 0.09 -6.87 26.79
CA ALA A 117 -0.42 -6.33 28.07
C ALA A 117 -0.34 -7.38 29.17
N TYR A 118 -0.37 -8.64 28.78
CA TYR A 118 -0.36 -9.77 29.72
C TYR A 118 1.05 -10.36 29.92
N SER A 119 2.07 -9.53 29.72
CA SER A 119 3.45 -9.94 29.98
C SER A 119 3.61 -10.37 31.42
N GLY A 120 4.41 -11.40 31.63
CA GLY A 120 4.72 -11.87 32.99
C GLY A 120 5.89 -11.08 33.56
N ALA A 121 6.67 -10.46 32.69
CA ALA A 121 7.82 -9.64 33.08
C ALA A 121 7.38 -8.21 33.31
N THR A 122 8.07 -7.53 34.23
CA THR A 122 7.85 -6.12 34.43
C THR A 122 8.45 -5.39 33.24
N PHE A 123 8.01 -4.16 32.97
CA PHE A 123 8.63 -3.41 31.89
C PHE A 123 10.12 -3.17 32.11
N GLU A 124 10.51 -2.91 33.36
CA GLU A 124 11.93 -2.73 33.65
C GLU A 124 12.75 -3.95 33.23
N GLU A 125 12.25 -5.15 33.52
CA GLU A 125 12.91 -6.38 33.04
C GLU A 125 12.96 -6.44 31.51
N ILE A 126 11.84 -6.15 30.85
CA ILE A 126 11.81 -6.18 29.38
C ILE A 126 12.79 -5.16 28.81
N SER A 127 12.74 -3.94 29.35
CA SER A 127 13.59 -2.83 28.93
C SER A 127 15.08 -3.19 28.90
N GLU A 128 15.51 -3.99 29.89
CA GLU A 128 16.90 -4.42 30.00
C GLU A 128 17.28 -5.33 28.84
N GLY A 129 16.38 -6.23 28.48
CA GLY A 129 16.53 -7.04 27.27
C GLY A 129 16.53 -6.20 26.01
N LEU A 130 15.60 -5.22 25.92
CA LEU A 130 15.44 -4.39 24.72
C LEU A 130 16.66 -3.52 24.44
N ASN A 131 17.25 -2.99 25.51
CA ASN A 131 18.46 -2.18 25.40
C ASN A 131 18.36 -1.12 24.30
N GLY A 132 17.24 -0.39 24.29
CA GLY A 132 17.04 0.70 23.33
C GLY A 132 16.29 0.33 22.06
N GLY A 133 16.05 -0.96 21.87
CA GLY A 133 15.36 -1.46 20.69
C GLY A 133 13.93 -0.94 20.59
N PRO A 134 13.42 -0.87 19.35
CA PRO A 134 12.04 -0.40 19.14
C PRO A 134 11.02 -1.37 19.73
N ARG A 135 9.93 -0.82 20.23
CA ARG A 135 8.88 -1.64 20.82
C ARG A 135 7.52 -1.05 20.61
N TRP A 136 6.56 -1.94 20.38
CA TRP A 136 5.15 -1.60 20.28
C TRP A 136 4.42 -2.25 21.43
N PHE A 137 3.35 -1.62 21.88
CA PHE A 137 2.62 -2.07 23.05
C PHE A 137 1.25 -2.60 22.62
N GLN A 138 0.95 -3.86 22.97
CA GLN A 138 -0.37 -4.43 22.67
C GLN A 138 -1.33 -4.22 23.85
N ILE A 139 -2.53 -3.74 23.56
CA ILE A 139 -3.53 -3.53 24.61
C ILE A 139 -4.84 -4.21 24.23
N TYR A 140 -5.65 -4.47 25.26
CA TYR A 140 -7.04 -4.84 25.07
C TYR A 140 -7.89 -3.62 25.40
N MET A 141 -9.12 -3.58 24.88
CA MET A 141 -10.01 -2.46 25.18
C MET A 141 -10.65 -2.67 26.55
N ALA A 142 -10.29 -1.83 27.52
CA ALA A 142 -10.94 -1.89 28.84
C ALA A 142 -12.37 -1.40 28.79
N LYS A 143 -13.23 -2.02 29.60
CA LYS A 143 -14.60 -1.54 29.81
C LYS A 143 -14.60 -0.18 30.50
N ASP A 144 -13.63 0.00 31.40
CA ASP A 144 -13.45 1.24 32.13
C ASP A 144 -12.45 2.17 31.40
N ASP A 145 -12.95 3.33 30.96
CA ASP A 145 -12.12 4.27 30.21
C ASP A 145 -10.83 4.65 30.96
N GLN A 146 -10.90 4.76 32.29
CA GLN A 146 -9.69 5.10 33.07
C GLN A 146 -8.56 4.12 32.82
N GLN A 147 -8.90 2.84 32.70
CA GLN A 147 -7.90 1.79 32.48
C GLN A 147 -7.23 1.91 31.09
N ASN A 148 -7.99 2.40 30.12
CA ASN A 148 -7.43 2.68 28.81
C ASN A 148 -6.48 3.88 28.84
N ARG A 149 -6.89 4.93 29.54
CA ARG A 149 -5.99 6.06 29.78
C ARG A 149 -4.69 5.58 30.44
N ASP A 150 -4.83 4.75 31.47
CA ASP A 150 -3.69 4.24 32.22
C ASP A 150 -2.72 3.51 31.30
N ILE A 151 -3.23 2.57 30.49
CA ILE A 151 -2.32 1.74 29.70
C ILE A 151 -1.70 2.55 28.57
N LEU A 152 -2.46 3.52 28.03
CA LEU A 152 -1.93 4.39 26.99
C LEU A 152 -0.80 5.26 27.53
N ASP A 153 -0.96 5.75 28.77
CA ASP A 153 0.12 6.47 29.45
C ASP A 153 1.34 5.57 29.68
N GLU A 154 1.11 4.35 30.15
CA GLU A 154 2.17 3.38 30.36
C GLU A 154 2.96 3.17 29.06
N ALA A 155 2.24 2.94 27.97
CA ALA A 155 2.88 2.66 26.68
C ALA A 155 3.80 3.80 26.27
N LYS A 156 3.29 5.03 26.31
CA LYS A 156 4.08 6.22 25.97
C LYS A 156 5.30 6.36 26.87
N SER A 157 5.10 6.18 28.18
CA SER A 157 6.20 6.26 29.15
C SER A 157 7.27 5.21 28.92
N ASP A 158 6.84 4.07 28.38
CA ASP A 158 7.75 2.98 28.06
C ASP A 158 8.37 3.11 26.67
N GLY A 159 8.16 4.24 25.99
CA GLY A 159 8.79 4.50 24.71
C GLY A 159 8.19 3.75 23.53
N ALA A 160 6.94 3.32 23.67
CA ALA A 160 6.27 2.58 22.58
C ALA A 160 6.15 3.53 21.41
N THR A 161 6.31 3.00 20.21
CA THR A 161 6.12 3.80 19.00
C THR A 161 4.90 3.43 18.19
N ALA A 162 4.14 2.47 18.69
CA ALA A 162 2.83 2.13 18.17
C ALA A 162 2.05 1.39 19.22
N ILE A 163 0.73 1.45 19.09
CA ILE A 163 -0.19 0.64 19.91
C ILE A 163 -0.80 -0.44 19.02
N ILE A 164 -0.89 -1.65 19.57
CA ILE A 164 -1.57 -2.77 18.92
C ILE A 164 -2.85 -3.02 19.70
N LEU A 165 -3.97 -2.64 19.12
CA LEU A 165 -5.27 -2.84 19.78
C LEU A 165 -5.85 -4.16 19.31
N THR A 166 -5.87 -5.14 20.20
CA THR A 166 -6.34 -6.47 19.81
C THR A 166 -7.85 -6.50 19.92
N ALA A 167 -8.49 -6.93 18.83
CA ALA A 167 -9.95 -6.84 18.69
C ALA A 167 -10.72 -7.85 19.53
N ASP A 168 -10.05 -8.92 19.96
CA ASP A 168 -10.72 -10.04 20.62
C ASP A 168 -10.09 -10.30 21.97
N SER A 169 -10.93 -10.47 23.00
CA SER A 169 -10.47 -10.66 24.38
C SER A 169 -10.34 -12.10 24.83
N THR A 170 -9.88 -12.23 26.08
CA THR A 170 -9.59 -13.48 26.80
C THR A 170 -8.16 -13.93 26.51
N ASN A 174 -12.38 -22.33 24.84
CA ASN A 174 -12.44 -22.45 23.39
C ASN A 174 -11.90 -23.78 22.84
N ARG A 175 -11.23 -24.56 23.68
CA ARG A 175 -10.62 -25.81 23.21
C ARG A 175 -11.46 -27.05 23.55
N ASP A 176 -11.32 -28.09 22.71
CA ASP A 176 -12.03 -29.35 22.92
C ASP A 176 -11.50 -30.11 24.14
N TYR A 185 -2.13 -21.22 35.38
CA TYR A 185 -1.41 -19.97 35.17
C TYR A 185 -0.65 -19.58 36.44
N PRO A 186 0.68 -19.82 36.46
CA PRO A 186 1.47 -19.74 37.69
C PRO A 186 1.85 -18.32 38.13
N PHE A 187 1.86 -17.36 37.22
CA PHE A 187 2.30 -15.99 37.56
C PHE A 187 1.35 -14.85 37.18
N GLY A 188 1.71 -13.65 37.60
CA GLY A 188 0.84 -12.50 37.43
C GLY A 188 1.07 -11.75 36.14
N MET A 189 0.53 -10.55 36.08
CA MET A 189 0.67 -9.69 34.92
C MET A 189 0.99 -8.30 35.43
N PRO A 190 2.26 -8.05 35.77
CA PRO A 190 2.68 -6.80 36.42
C PRO A 190 2.33 -5.52 35.63
N ILE A 191 2.33 -5.60 34.31
CA ILE A 191 2.08 -4.42 33.47
C ILE A 191 0.66 -3.87 33.64
N VAL A 192 -0.33 -4.76 33.76
CA VAL A 192 -1.71 -4.34 34.03
C VAL A 192 -1.99 -4.15 35.53
N GLN A 193 -1.35 -4.98 36.36
CA GLN A 193 -1.49 -4.89 37.82
C GLN A 193 -1.01 -3.54 38.35
N ARG A 194 -0.02 -2.97 37.67
CA ARG A 194 0.49 -1.64 38.01
C ARG A 194 -0.64 -0.61 38.13
N TYR A 195 -1.64 -0.70 37.26
CA TYR A 195 -2.75 0.25 37.30
C TYR A 195 -4.10 -0.35 37.75
N LEU A 196 -4.19 -1.69 37.78
CA LEU A 196 -5.40 -2.34 38.28
C LEU A 196 -5.42 -2.54 39.81
N ARG A 197 -4.25 -2.41 40.45
CA ARG A 197 -4.15 -2.64 41.91
C ARG A 197 -5.15 -1.78 42.68
N GLY A 198 -5.87 -2.39 43.60
CA GLY A 198 -6.85 -1.66 44.43
C GLY A 198 -8.20 -1.49 43.78
N THR A 199 -8.28 -1.87 42.50
CA THR A 199 -9.56 -1.96 41.83
C THR A 199 -10.00 -3.44 41.84
N ALA A 200 -11.29 -3.67 41.68
CA ALA A 200 -11.83 -5.04 41.64
C ALA A 200 -11.22 -5.82 40.46
N GLU A 201 -10.97 -5.12 39.35
CA GLU A 201 -10.42 -5.72 38.14
C GLU A 201 -9.06 -6.40 38.36
N GLY A 202 -8.32 -5.94 39.36
CA GLY A 202 -6.98 -6.48 39.62
C GLY A 202 -6.94 -7.69 40.54
N MET A 203 -8.08 -8.00 41.15
CA MET A 203 -8.15 -9.06 42.17
C MET A 203 -7.99 -10.46 41.60
N TYR A 209 -9.06 -10.72 33.13
CA TYR A 209 -9.56 -11.05 31.79
C TYR A 209 -10.90 -10.35 31.51
N GLY A 210 -11.78 -10.39 32.51
CA GLY A 210 -13.12 -9.79 32.41
C GLY A 210 -13.17 -8.27 32.40
N ALA A 211 -12.02 -7.62 32.59
CA ALA A 211 -11.93 -6.16 32.61
C ALA A 211 -12.01 -5.60 31.19
N SER A 212 -11.75 -6.43 30.20
CA SER A 212 -11.76 -5.96 28.81
C SER A 212 -13.06 -6.30 28.09
N LYS A 213 -13.45 -5.46 27.14
CA LYS A 213 -14.58 -5.77 26.26
C LYS A 213 -14.27 -7.04 25.47
N GLN A 214 -15.26 -7.91 25.27
CA GLN A 214 -15.00 -9.17 24.57
C GLN A 214 -14.63 -8.92 23.10
N LYS A 215 -15.26 -7.92 22.51
CA LYS A 215 -15.03 -7.55 21.12
C LYS A 215 -15.05 -6.03 20.99
N ILE A 216 -14.16 -5.48 20.18
CA ILE A 216 -14.15 -4.02 20.00
C ILE A 216 -15.06 -3.60 18.86
N SER A 217 -15.41 -2.32 18.89
CA SER A 217 -16.25 -1.69 17.87
C SER A 217 -15.46 -0.58 17.21
N PRO A 218 -15.96 -0.08 16.05
CA PRO A 218 -15.33 1.10 15.47
C PRO A 218 -15.21 2.29 16.42
N ARG A 219 -16.21 2.48 17.28
CA ARG A 219 -16.17 3.55 18.28
C ARG A 219 -14.99 3.37 19.22
N ASP A 220 -14.72 2.13 19.62
CA ASP A 220 -13.56 1.83 20.46
C ASP A 220 -12.26 2.21 19.78
N ILE A 221 -12.15 1.84 18.50
CA ILE A 221 -10.95 2.14 17.73
C ILE A 221 -10.73 3.65 17.66
N GLU A 222 -11.82 4.37 17.44
CA GLU A 222 -11.76 5.82 17.34
C GLU A 222 -11.28 6.44 18.66
N GLU A 223 -11.75 5.89 19.79
CA GLU A 223 -11.35 6.38 21.13
C GLU A 223 -9.86 6.19 21.37
N ILE A 224 -9.36 4.99 21.09
CA ILE A 224 -7.95 4.69 21.27
C ILE A 224 -7.08 5.51 20.32
N ALA A 225 -7.48 5.60 19.06
CA ALA A 225 -6.70 6.37 18.09
C ALA A 225 -6.62 7.86 18.44
N GLY A 226 -7.70 8.39 19.01
CA GLY A 226 -7.78 9.82 19.37
C GLY A 226 -6.93 10.17 20.58
N HIS A 227 -6.72 9.20 21.46
CA HIS A 227 -6.07 9.48 22.73
C HIS A 227 -4.68 8.86 22.92
N SER A 228 -4.26 8.05 21.95
CA SER A 228 -3.01 7.32 22.11
C SER A 228 -1.77 8.18 21.89
N GLY A 229 -1.88 9.18 21.02
CA GLY A 229 -0.71 9.93 20.50
C GLY A 229 0.29 9.09 19.70
N LEU A 230 -0.14 7.89 19.29
CA LEU A 230 0.69 6.94 18.58
C LEU A 230 -0.13 6.28 17.49
N PRO A 231 0.52 5.81 16.40
CA PRO A 231 -0.22 5.00 15.41
C PRO A 231 -0.81 3.77 16.05
N VAL A 232 -2.07 3.47 15.72
CA VAL A 232 -2.77 2.32 16.29
C VAL A 232 -3.02 1.26 15.19
N PHE A 233 -2.48 0.05 15.41
CA PHE A 233 -2.80 -1.12 14.58
C PHE A 233 -4.00 -1.81 15.20
N VAL A 234 -4.95 -2.19 14.38
CA VAL A 234 -6.05 -3.02 14.87
C VAL A 234 -5.76 -4.45 14.49
N LYS A 235 -5.60 -5.30 15.51
CA LYS A 235 -5.15 -6.69 15.33
C LYS A 235 -6.29 -7.68 15.47
N GLY A 236 -6.35 -8.63 14.52
CA GLY A 236 -7.37 -9.65 14.53
C GLY A 236 -8.33 -9.52 13.38
N ILE A 237 -8.02 -8.60 12.46
CA ILE A 237 -8.83 -8.40 11.25
C ILE A 237 -8.73 -9.60 10.29
N GLN A 238 -9.90 -10.09 9.86
CA GLN A 238 -9.99 -11.18 8.86
C GLN A 238 -10.96 -10.86 7.71
N HIS A 239 -11.73 -9.79 7.87
CA HIS A 239 -12.71 -9.42 6.83
C HIS A 239 -12.42 -8.02 6.30
N PRO A 240 -12.45 -7.84 4.97
CA PRO A 240 -12.09 -6.53 4.39
C PRO A 240 -12.99 -5.37 4.87
N GLU A 241 -14.25 -5.64 5.15
CA GLU A 241 -15.12 -4.54 5.60
C GLU A 241 -14.68 -4.01 6.97
N ASP A 242 -14.24 -4.92 7.85
CA ASP A 242 -13.66 -4.49 9.11
C ASP A 242 -12.41 -3.62 8.92
N ALA A 243 -11.58 -3.97 7.93
CA ALA A 243 -10.37 -3.19 7.64
C ALA A 243 -10.79 -1.77 7.26
N ASP A 244 -11.78 -1.64 6.38
CA ASP A 244 -12.21 -0.32 5.95
C ASP A 244 -12.80 0.49 7.11
N MET A 245 -13.66 -0.17 7.90
CA MET A 245 -14.26 0.49 9.08
C MET A 245 -13.18 0.94 10.06
N ALA A 246 -12.17 0.09 10.27
CA ALA A 246 -11.10 0.40 11.22
C ALA A 246 -10.30 1.61 10.77
N ILE A 247 -9.96 1.67 9.48
CA ILE A 247 -9.23 2.79 8.94
C ILE A 247 -10.07 4.08 9.03
N LYS A 248 -11.35 3.99 8.72
CA LYS A 248 -12.21 5.18 8.81
C LYS A 248 -12.35 5.67 10.25
N ARG A 249 -12.16 4.75 11.21
CA ARG A 249 -12.29 5.07 12.63
C ARG A 249 -10.96 5.61 13.17
N GLY A 250 -9.92 5.58 12.35
CA GLY A 250 -8.65 6.19 12.72
C GLY A 250 -7.48 5.26 12.95
N ALA A 251 -7.65 3.97 12.63
CA ALA A 251 -6.52 3.07 12.70
C ALA A 251 -5.40 3.51 11.75
N SER A 252 -4.15 3.42 12.21
CA SER A 252 -2.97 3.70 11.39
C SER A 252 -2.28 2.43 10.82
N GLY A 253 -2.91 1.29 11.03
CA GLY A 253 -2.40 0.02 10.52
C GLY A 253 -3.43 -1.06 10.70
N ILE A 254 -3.33 -2.09 9.86
CA ILE A 254 -4.22 -3.24 9.96
C ILE A 254 -3.34 -4.45 10.20
N TRP A 255 -3.65 -5.22 11.24
CA TRP A 255 -2.86 -6.38 11.60
C TRP A 255 -3.77 -7.59 11.40
N VAL A 256 -3.59 -8.22 10.25
CA VAL A 256 -4.35 -9.37 9.82
C VAL A 256 -3.89 -10.56 10.67
N SER A 257 -4.83 -11.17 11.38
CA SER A 257 -4.51 -12.22 12.34
C SER A 257 -5.76 -12.94 12.79
N ASN A 258 -5.61 -14.22 13.14
CA ASN A 258 -6.65 -14.86 13.93
C ASN A 258 -6.00 -15.34 15.24
N HIS A 259 -4.94 -14.63 15.62
CA HIS A 259 -4.23 -14.87 16.87
C HIS A 259 -3.74 -16.31 16.97
N GLY A 260 -3.16 -16.84 15.89
CA GLY A 260 -2.67 -18.22 15.88
C GLY A 260 -3.76 -19.25 16.14
N ALA A 261 -4.97 -18.97 15.67
CA ALA A 261 -6.13 -19.89 15.80
C ALA A 261 -6.60 -20.10 17.25
N ARG A 262 -6.26 -19.17 18.13
CA ARG A 262 -6.60 -19.27 19.55
C ARG A 262 -7.97 -18.71 19.90
N GLN A 263 -8.63 -18.08 18.92
CA GLN A 263 -9.94 -17.51 19.19
C GLN A 263 -11.04 -18.23 18.39
N LEU A 264 -11.55 -17.61 17.34
CA LEU A 264 -12.70 -18.21 16.65
C LEU A 264 -12.35 -19.52 15.92
N TYR A 265 -13.14 -20.55 16.22
CA TYR A 265 -12.97 -21.87 15.60
C TYR A 265 -13.78 -21.99 14.30
N GLU A 266 -13.31 -22.85 13.38
CA GLU A 266 -14.01 -23.13 12.11
C GLU A 266 -14.12 -21.87 11.25
N ALA A 267 -13.03 -21.12 11.31
CA ALA A 267 -12.77 -19.91 10.53
C ALA A 267 -11.69 -20.24 9.48
N PRO A 268 -11.49 -19.37 8.48
CA PRO A 268 -10.45 -19.63 7.49
C PRO A 268 -9.01 -19.55 8.01
N GLY A 269 -8.09 -20.21 7.32
CA GLY A 269 -6.67 -20.00 7.57
C GLY A 269 -6.36 -18.54 7.31
N SER A 270 -5.53 -17.94 8.17
CA SER A 270 -5.31 -16.49 8.11
C SER A 270 -4.80 -16.04 6.73
N PHE A 271 -3.84 -16.75 6.16
CA PHE A 271 -3.30 -16.34 4.86
C PHE A 271 -4.36 -16.22 3.74
N ASP A 272 -5.40 -17.06 3.80
CA ASP A 272 -6.47 -17.02 2.77
C ASP A 272 -7.23 -15.71 2.82
N THR A 273 -7.23 -15.05 3.98
CA THR A 273 -7.99 -13.79 4.12
C THR A 273 -7.20 -12.56 3.69
N LEU A 274 -5.90 -12.72 3.48
CA LEU A 274 -5.02 -11.55 3.32
C LEU A 274 -5.26 -10.77 2.01
N PRO A 275 -5.28 -11.46 0.85
CA PRO A 275 -5.46 -10.64 -0.36
C PRO A 275 -6.70 -9.76 -0.37
N ALA A 276 -7.85 -10.27 0.06
CA ALA A 276 -9.07 -9.45 0.05
C ALA A 276 -8.93 -8.22 0.94
N ILE A 277 -8.29 -8.39 2.08
CA ILE A 277 -8.03 -7.27 2.97
C ILE A 277 -7.05 -6.27 2.32
N ALA A 278 -5.95 -6.78 1.75
CA ALA A 278 -4.94 -5.91 1.13
C ALA A 278 -5.58 -5.11 0.01
N GLU A 279 -6.48 -5.76 -0.73
CA GLU A 279 -7.11 -5.06 -1.88
C GLU A 279 -8.02 -3.94 -1.40
N ARG A 280 -8.66 -4.13 -0.25
CA ARG A 280 -9.54 -3.09 0.30
C ARG A 280 -8.75 -1.97 1.00
N VAL A 281 -7.70 -2.36 1.72
CA VAL A 281 -6.82 -1.38 2.35
C VAL A 281 -6.20 -0.48 1.28
N ASN A 282 -5.77 -1.09 0.19
CA ASN A 282 -5.28 -0.36 -0.98
C ASN A 282 -4.26 0.72 -0.60
N LYS A 283 -3.26 0.30 0.18
CA LYS A 283 -2.10 1.13 0.56
C LYS A 283 -2.39 2.22 1.61
N ARG A 284 -3.63 2.29 2.10
CA ARG A 284 -3.96 3.37 3.01
C ARG A 284 -3.12 3.40 4.28
N VAL A 285 -2.85 2.20 4.81
CA VAL A 285 -2.07 2.05 6.04
C VAL A 285 -1.26 0.79 5.88
N PRO A 286 -0.15 0.67 6.63
CA PRO A 286 0.62 -0.58 6.60
C PRO A 286 -0.17 -1.77 7.12
N ILE A 287 0.17 -2.94 6.56
CA ILE A 287 -0.43 -4.19 6.98
C ILE A 287 0.64 -5.09 7.60
N VAL A 288 0.35 -5.56 8.81
CA VAL A 288 1.14 -6.62 9.46
C VAL A 288 0.30 -7.89 9.30
N PHE A 289 0.93 -8.96 8.86
CA PHE A 289 0.24 -10.25 8.74
C PHE A 289 0.80 -11.26 9.74
N ASP A 290 -0.09 -11.99 10.40
CA ASP A 290 0.38 -13.17 11.13
C ASP A 290 -0.63 -14.32 11.17
N SER A 291 -0.18 -15.41 11.81
CA SER A 291 -0.96 -16.61 12.16
C SER A 291 -0.58 -17.72 11.21
N GLY A 292 0.48 -18.44 11.59
CA GLY A 292 0.95 -19.59 10.84
C GLY A 292 2.27 -19.45 10.10
N VAL A 293 3.00 -18.35 10.28
CA VAL A 293 4.27 -18.16 9.56
C VAL A 293 5.29 -19.12 10.15
N ARG A 294 5.79 -20.02 9.32
CA ARG A 294 6.74 -21.05 9.76
C ARG A 294 8.01 -21.13 8.95
N ARG A 295 8.00 -20.56 7.74
CA ARG A 295 9.11 -20.68 6.80
C ARG A 295 9.37 -19.35 6.09
N GLY A 296 10.59 -19.19 5.55
CA GLY A 296 10.90 -18.04 4.72
C GLY A 296 9.92 -17.90 3.56
N GLU A 297 9.48 -19.03 3.00
CA GLU A 297 8.51 -18.99 1.88
C GLU A 297 7.21 -18.29 2.29
N HIS A 298 6.85 -18.43 3.56
CA HIS A 298 5.61 -17.83 4.09
C HIS A 298 5.74 -16.31 4.17
N VAL A 299 6.91 -15.85 4.62
CA VAL A 299 7.21 -14.42 4.66
C VAL A 299 7.08 -13.86 3.23
N ALA A 300 7.70 -14.54 2.26
CA ALA A 300 7.66 -14.06 0.88
C ALA A 300 6.21 -14.00 0.34
N LYS A 301 5.46 -15.08 0.60
CA LYS A 301 4.07 -15.17 0.12
C LYS A 301 3.20 -14.08 0.75
N ALA A 302 3.42 -13.78 2.02
CA ALA A 302 2.64 -12.73 2.65
C ALA A 302 2.95 -11.39 2.02
N LEU A 303 4.25 -11.11 1.83
CA LEU A 303 4.63 -9.85 1.17
C LEU A 303 4.04 -9.79 -0.22
N ALA A 304 4.10 -10.89 -0.96
CA ALA A 304 3.56 -10.84 -2.35
C ALA A 304 2.04 -10.61 -2.34
N SER A 305 1.41 -10.90 -1.22
CA SER A 305 -0.05 -10.85 -1.08
C SER A 305 -0.54 -9.57 -0.38
N GLY A 306 0.36 -8.65 -0.10
CA GLY A 306 -0.02 -7.33 0.37
C GLY A 306 0.42 -6.91 1.77
N ALA A 307 1.08 -7.81 2.51
CA ALA A 307 1.59 -7.43 3.81
C ALA A 307 2.87 -6.62 3.66
N ASP A 308 3.13 -5.73 4.62
CA ASP A 308 4.38 -5.01 4.66
C ASP A 308 5.43 -5.76 5.47
N VAL A 309 4.98 -6.37 6.56
CA VAL A 309 5.82 -7.29 7.35
C VAL A 309 4.94 -8.40 7.89
N VAL A 310 5.55 -9.48 8.38
CA VAL A 310 4.77 -10.48 9.10
C VAL A 310 5.18 -10.45 10.55
N ALA A 311 4.34 -11.00 11.42
CA ALA A 311 4.76 -11.20 12.81
C ALA A 311 4.97 -12.66 13.11
N LEU A 312 6.01 -12.94 13.89
CA LEU A 312 6.32 -14.30 14.29
C LEU A 312 5.90 -14.54 15.74
N GLY A 313 5.46 -15.76 16.02
CA GLY A 313 4.89 -16.09 17.32
C GLY A 313 5.46 -17.35 17.89
N ARG A 314 4.70 -18.45 17.80
CA ARG A 314 5.08 -19.73 18.42
C ARG A 314 6.53 -20.18 18.14
N PRO A 315 7.00 -20.09 16.88
CA PRO A 315 8.39 -20.55 16.65
C PRO A 315 9.42 -19.82 17.50
N VAL A 316 9.25 -18.51 17.70
CA VAL A 316 10.19 -17.74 18.52
C VAL A 316 10.11 -18.19 19.98
N LEU A 317 8.88 -18.41 20.46
CA LEU A 317 8.68 -18.96 21.82
C LEU A 317 9.28 -20.34 22.03
N PHE A 318 9.15 -21.23 21.05
CA PHE A 318 9.79 -22.56 21.16
C PHE A 318 11.32 -22.42 21.18
N GLY A 319 11.86 -21.54 20.34
CA GLY A 319 13.31 -21.24 20.37
C GLY A 319 13.72 -20.71 21.74
N LEU A 320 12.91 -19.82 22.31
CA LEU A 320 13.17 -19.28 23.66
C LEU A 320 13.23 -20.42 24.68
N ALA A 321 12.27 -21.35 24.61
CA ALA A 321 12.23 -22.51 25.52
C ALA A 321 13.53 -23.31 25.44
N LEU A 322 14.00 -23.50 24.22
CA LEU A 322 15.15 -24.36 23.95
C LEU A 322 16.49 -23.69 24.24
N GLY A 323 16.53 -22.36 24.21
CA GLY A 323 17.82 -21.68 24.39
C GLY A 323 17.82 -20.25 24.90
N GLY A 324 16.76 -19.85 25.60
CA GLY A 324 16.65 -18.45 26.04
C GLY A 324 16.85 -17.50 24.87
N TRP A 325 17.42 -16.32 25.14
CA TRP A 325 17.55 -15.31 24.08
C TRP A 325 18.32 -15.80 22.84
N GLN A 326 19.35 -16.62 23.06
CA GLN A 326 20.15 -17.14 21.96
C GLN A 326 19.36 -18.14 21.10
N GLY A 327 18.49 -18.92 21.75
CA GLY A 327 17.58 -19.85 21.07
C GLY A 327 16.57 -19.07 20.24
N ALA A 328 15.96 -18.06 20.85
CA ALA A 328 15.05 -17.16 20.11
C ALA A 328 15.76 -16.46 18.93
N TYR A 329 16.97 -15.95 19.18
CA TYR A 329 17.78 -15.34 18.13
C TYR A 329 18.00 -16.32 16.96
N SER A 330 18.30 -17.57 17.28
CA SER A 330 18.53 -18.59 16.27
C SER A 330 17.33 -18.72 15.32
N VAL A 331 16.12 -18.58 15.87
CA VAL A 331 14.90 -18.70 15.06
C VAL A 331 14.78 -17.50 14.13
N LEU A 332 15.01 -16.31 14.66
CA LEU A 332 15.03 -15.11 13.81
C LEU A 332 16.08 -15.22 12.71
N ASP A 333 17.26 -15.73 13.07
CA ASP A 333 18.34 -15.93 12.12
C ASP A 333 17.94 -16.94 11.03
N TYR A 334 17.30 -18.04 11.44
CA TYR A 334 16.75 -19.02 10.51
C TYR A 334 15.84 -18.35 9.47
N PHE A 335 14.89 -17.54 9.95
CA PHE A 335 13.94 -16.89 9.03
C PHE A 335 14.64 -15.96 8.05
N GLN A 336 15.65 -15.24 8.54
CA GLN A 336 16.37 -14.29 7.70
C GLN A 336 17.15 -15.03 6.61
N LYS A 337 17.83 -16.09 7.01
CA LYS A 337 18.61 -16.91 6.09
C LYS A 337 17.74 -17.64 5.09
N ASP A 338 16.63 -18.18 5.55
CA ASP A 338 15.74 -18.89 4.65
C ASP A 338 15.11 -17.92 3.66
N LEU A 339 14.74 -16.74 4.15
CA LEU A 339 14.16 -15.72 3.27
C LEU A 339 15.16 -15.35 2.19
N THR A 340 16.44 -15.23 2.56
CA THR A 340 17.47 -14.86 1.58
C THR A 340 17.53 -15.88 0.45
N ARG A 341 17.45 -17.15 0.79
CA ARG A 341 17.45 -18.22 -0.20
C ARG A 341 16.23 -18.14 -1.12
N VAL A 342 15.08 -17.85 -0.52
CA VAL A 342 13.84 -17.68 -1.30
C VAL A 342 13.98 -16.50 -2.25
N MET A 343 14.57 -15.42 -1.78
CA MET A 343 14.83 -14.26 -2.65
C MET A 343 15.69 -14.66 -3.83
N GLN A 344 16.79 -15.38 -3.58
CA GLN A 344 17.64 -15.84 -4.69
C GLN A 344 16.85 -16.62 -5.73
N LEU A 345 16.03 -17.57 -5.25
CA LEU A 345 15.32 -18.48 -6.15
C LEU A 345 14.19 -17.82 -6.92
N THR A 346 13.62 -16.77 -6.35
CA THR A 346 12.51 -16.05 -6.97
C THR A 346 13.01 -14.87 -7.77
N GLY A 347 14.33 -14.70 -7.82
CA GLY A 347 14.93 -13.59 -8.60
C GLY A 347 14.76 -12.23 -7.96
N SER A 348 14.63 -12.21 -6.64
CA SER A 348 14.36 -11.01 -5.85
C SER A 348 15.64 -10.47 -5.18
N GLN A 349 15.94 -9.20 -5.42
CA GLN A 349 17.14 -8.61 -4.81
C GLN A 349 16.83 -7.98 -3.45
N ASN A 350 15.57 -7.60 -3.24
CA ASN A 350 15.18 -6.86 -2.05
C ASN A 350 13.73 -7.15 -1.67
N VAL A 351 13.29 -6.57 -0.55
CA VAL A 351 11.95 -6.82 -0.01
C VAL A 351 10.87 -6.29 -0.94
N GLU A 352 11.17 -5.18 -1.60
CA GLU A 352 10.20 -4.66 -2.56
C GLU A 352 9.96 -5.63 -3.71
N ASP A 353 11.01 -6.22 -4.27
CA ASP A 353 10.85 -7.27 -5.28
C ASP A 353 9.89 -8.38 -4.81
N LEU A 354 10.01 -8.80 -3.55
CA LEU A 354 9.09 -9.81 -2.99
C LEU A 354 7.62 -9.38 -3.07
N LYS A 355 7.36 -8.08 -2.88
CA LYS A 355 6.00 -7.56 -2.93
C LYS A 355 5.44 -7.71 -4.34
N GLY A 356 6.33 -7.78 -5.33
CA GLY A 356 5.90 -7.89 -6.73
C GLY A 356 5.79 -9.29 -7.28
N LEU A 357 5.96 -10.32 -6.44
CA LEU A 357 5.92 -11.70 -6.96
C LEU A 357 4.53 -12.11 -7.44
N ASP A 358 4.50 -12.87 -8.53
CA ASP A 358 3.33 -13.58 -9.04
C ASP A 358 3.27 -14.92 -8.33
N LEU A 359 2.10 -15.30 -7.84
CA LEU A 359 1.96 -16.61 -7.20
C LEU A 359 1.11 -17.52 -8.08
N PHE A 360 1.39 -18.82 -7.98
CA PHE A 360 0.66 -19.86 -8.69
C PHE A 360 -0.55 -20.21 -7.84
N ASP A 361 -1.73 -20.11 -8.43
CA ASP A 361 -2.93 -20.54 -7.69
C ASP A 361 -3.09 -22.06 -7.73
N ASN A 362 -3.11 -22.68 -6.54
CA ASN A 362 -3.30 -24.11 -6.43
C ASN A 362 -4.72 -24.46 -5.97
N PRO A 363 -5.62 -24.81 -6.91
CA PRO A 363 -7.02 -25.08 -6.54
C PRO A 363 -7.23 -26.41 -5.85
N TYR A 364 -6.18 -27.24 -5.87
CA TYR A 364 -6.27 -28.56 -5.31
C TYR A 364 -6.07 -28.57 -3.80
N GLY A 365 -5.42 -27.54 -3.28
CA GLY A 365 -5.15 -27.45 -1.85
C GLY A 365 -4.05 -28.39 -1.42
N TYR A 366 -4.10 -28.78 -0.14
CA TYR A 366 -2.98 -29.46 0.50
C TYR A 366 -2.57 -30.81 -0.07
N GLU A 367 -3.55 -31.65 -0.42
CA GLU A 367 -3.26 -33.00 -0.87
C GLU A 367 -2.86 -33.00 -2.33
N TYR A 368 -3.08 -31.87 -3.00
CA TYR A 368 -2.62 -31.66 -4.39
C TYR A 368 -3.24 -32.67 -5.35
N GLU B 1 -1.83 29.51 -42.95
CA GLU B 1 -1.57 29.85 -41.53
C GLU B 1 -2.70 29.39 -40.61
N TYR B 2 -2.32 28.96 -39.40
CA TYR B 2 -3.24 28.29 -38.48
C TYR B 2 -3.93 29.27 -37.53
N ASN B 3 -5.25 29.32 -37.62
CA ASN B 3 -6.06 30.28 -36.88
C ASN B 3 -6.65 29.63 -35.62
N ALA B 4 -5.82 29.44 -34.60
CA ALA B 4 -6.29 28.87 -33.33
C ALA B 4 -7.13 29.88 -32.55
N PRO B 5 -8.10 29.38 -31.73
CA PRO B 5 -8.91 30.25 -30.88
C PRO B 5 -8.02 31.06 -29.95
N SER B 6 -8.49 32.24 -29.54
CA SER B 6 -7.69 33.09 -28.67
C SER B 6 -8.45 33.69 -27.50
N GLU B 7 -9.76 33.49 -27.42
CA GLU B 7 -10.51 34.11 -26.34
C GLU B 7 -10.26 33.40 -25.00
N ILE B 8 -10.29 34.19 -23.94
CA ILE B 8 -10.07 33.68 -22.58
C ILE B 8 -11.33 33.95 -21.77
N LYS B 9 -11.98 32.89 -21.31
CA LYS B 9 -13.20 33.03 -20.53
C LYS B 9 -13.48 31.75 -19.78
N TYR B 10 -14.12 31.87 -18.63
CA TYR B 10 -14.66 30.71 -17.94
C TYR B 10 -15.84 30.12 -18.72
N ILE B 11 -16.03 28.83 -18.59
CA ILE B 11 -17.15 28.15 -19.24
C ILE B 11 -17.90 27.30 -18.22
N ASP B 12 -19.22 27.15 -18.42
CA ASP B 12 -20.04 26.31 -17.54
C ASP B 12 -19.95 24.85 -18.02
N VAL B 13 -19.10 24.06 -17.38
CA VAL B 13 -18.91 22.67 -17.81
C VAL B 13 -19.94 21.79 -17.11
N VAL B 14 -20.87 21.26 -17.87
CA VAL B 14 -21.88 20.37 -17.33
C VAL B 14 -21.42 18.92 -17.50
N ASN B 15 -20.79 18.63 -18.63
CA ASN B 15 -20.09 17.34 -18.83
C ASN B 15 -18.96 17.49 -19.85
N THR B 16 -17.97 16.60 -19.82
CA THR B 16 -16.80 16.81 -20.67
C THR B 16 -16.98 16.28 -22.09
N TYR B 17 -17.95 15.39 -22.28
CA TYR B 17 -18.19 14.84 -23.60
C TYR B 17 -18.62 15.92 -24.57
N ASP B 18 -19.50 16.80 -24.12
CA ASP B 18 -19.97 17.92 -24.95
C ASP B 18 -18.88 18.91 -25.34
N LEU B 19 -17.76 18.91 -24.61
CA LEU B 19 -16.64 19.82 -24.91
C LEU B 19 -16.00 19.47 -26.25
N GLU B 20 -16.03 18.18 -26.60
CA GLU B 20 -15.43 17.74 -27.86
C GLU B 20 -16.15 18.40 -29.03
N GLU B 21 -17.47 18.26 -29.08
CA GLU B 21 -18.27 18.80 -30.18
C GLU B 21 -18.20 20.32 -30.19
N GLU B 22 -18.28 20.93 -29.00
CA GLU B 22 -18.15 22.38 -28.89
C GLU B 22 -16.80 22.86 -29.38
N ALA B 23 -15.72 22.17 -28.99
CA ALA B 23 -14.38 22.51 -29.47
C ALA B 23 -14.24 22.35 -30.99
N SER B 24 -14.97 21.40 -31.57
CA SER B 24 -14.90 21.15 -33.02
C SER B 24 -15.41 22.35 -33.84
N LYS B 25 -16.18 23.22 -33.20
CA LYS B 25 -16.71 24.43 -33.85
C LYS B 25 -15.70 25.57 -33.90
N VAL B 26 -14.72 25.54 -32.99
CA VAL B 26 -13.76 26.66 -32.86
C VAL B 26 -12.33 26.31 -33.27
N VAL B 27 -12.00 25.01 -33.26
CA VAL B 27 -10.65 24.57 -33.64
C VAL B 27 -10.64 24.21 -35.13
N PRO B 28 -9.60 24.70 -35.87
CA PRO B 28 -9.42 24.27 -37.27
C PRO B 28 -9.48 22.75 -37.42
N HIS B 29 -10.11 22.29 -38.50
CA HIS B 29 -10.41 20.88 -38.73
C HIS B 29 -9.19 19.97 -38.54
N GLY B 30 -8.08 20.32 -39.18
CA GLY B 30 -6.85 19.53 -39.10
C GLY B 30 -6.37 19.36 -37.68
N GLY B 31 -6.28 20.48 -36.95
CA GLY B 31 -5.84 20.46 -35.55
C GLY B 31 -6.81 19.71 -34.66
N PHE B 32 -8.10 19.88 -34.91
CA PHE B 32 -9.12 19.22 -34.10
C PHE B 32 -9.05 17.70 -34.25
N ASN B 33 -8.91 17.22 -35.49
CA ASN B 33 -8.79 15.77 -35.70
C ASN B 33 -7.56 15.21 -35.03
N TYR B 34 -6.47 15.98 -35.04
CA TYR B 34 -5.24 15.56 -34.40
C TYR B 34 -5.49 15.30 -32.92
N ILE B 35 -6.21 16.23 -32.28
CA ILE B 35 -6.50 16.13 -30.84
C ILE B 35 -7.49 15.01 -30.53
N ALA B 36 -8.60 14.99 -31.25
CA ALA B 36 -9.71 14.07 -30.94
C ALA B 36 -9.49 12.63 -31.41
N GLY B 37 -8.65 12.46 -32.44
CA GLY B 37 -8.54 11.18 -33.14
C GLY B 37 -7.77 10.10 -32.39
N ALA B 38 -7.90 8.89 -32.87
CA ALA B 38 -7.21 7.75 -32.26
C ALA B 38 -6.97 6.69 -33.33
N SER B 39 -6.29 5.62 -32.95
CA SER B 39 -5.84 4.65 -33.95
C SER B 39 -6.98 3.83 -34.54
N GLY B 40 -6.76 3.30 -35.75
CA GLY B 40 -7.74 2.45 -36.41
C GLY B 40 -9.07 3.17 -36.60
N ASP B 41 -10.16 2.47 -36.30
CA ASP B 41 -11.50 3.04 -36.35
C ASP B 41 -11.98 3.56 -34.99
N GLU B 42 -11.01 3.79 -34.09
CA GLU B 42 -11.24 4.32 -32.75
C GLU B 42 -11.88 3.32 -31.79
N TRP B 43 -11.93 2.04 -32.18
CA TRP B 43 -12.51 1.03 -31.28
C TRP B 43 -11.86 1.01 -29.90
N THR B 44 -10.54 1.17 -29.83
CA THR B 44 -9.86 1.18 -28.51
C THR B 44 -10.12 2.48 -27.73
N LYS B 45 -10.29 3.61 -28.43
CA LYS B 45 -10.72 4.83 -27.74
C LYS B 45 -12.12 4.66 -27.12
N ARG B 46 -13.02 4.01 -27.86
CA ARG B 46 -14.36 3.69 -27.35
C ARG B 46 -14.23 2.71 -26.19
N ALA B 47 -13.28 1.79 -26.30
CA ALA B 47 -13.02 0.84 -25.22
C ALA B 47 -12.55 1.55 -23.94
N ASN B 48 -11.70 2.56 -24.09
CA ASN B 48 -11.29 3.35 -22.94
C ASN B 48 -12.50 3.95 -22.22
N ASP B 49 -13.49 4.39 -23.00
CA ASP B 49 -14.66 5.01 -22.42
C ASP B 49 -15.62 3.98 -21.81
N ARG B 50 -15.85 2.89 -22.54
CA ARG B 50 -16.81 1.89 -22.11
C ARG B 50 -16.30 1.08 -20.93
N ALA B 51 -14.98 1.04 -20.77
CA ALA B 51 -14.39 0.24 -19.67
C ALA B 51 -14.92 0.70 -18.32
N TRP B 52 -15.28 1.97 -18.20
CA TRP B 52 -15.76 2.49 -16.90
C TRP B 52 -17.07 1.82 -16.46
N LYS B 53 -17.82 1.27 -17.41
CA LYS B 53 -19.07 0.62 -17.07
C LYS B 53 -18.84 -0.82 -16.62
N HIS B 54 -17.59 -1.29 -16.65
CA HIS B 54 -17.28 -2.66 -16.22
C HIS B 54 -17.25 -2.82 -14.72
N LYS B 55 -16.99 -1.71 -14.02
CA LYS B 55 -16.92 -1.68 -12.55
C LYS B 55 -17.76 -0.50 -12.11
N LEU B 56 -18.79 -0.77 -11.31
CA LEU B 56 -19.79 0.25 -10.99
C LEU B 56 -19.73 0.66 -9.53
N LEU B 57 -20.03 1.92 -9.27
CA LEU B 57 -19.94 2.40 -7.89
C LEU B 57 -21.19 2.08 -7.10
N TYR B 58 -21.02 1.79 -5.81
CA TYR B 58 -22.16 1.66 -4.90
C TYR B 58 -22.35 2.94 -4.07
N PRO B 59 -23.61 3.40 -3.93
CA PRO B 59 -23.87 4.43 -2.92
C PRO B 59 -23.74 3.73 -1.57
N ARG B 60 -23.14 4.38 -0.58
CA ARG B 60 -22.95 3.76 0.74
C ARG B 60 -23.13 4.78 1.86
N LEU B 61 -23.50 4.29 3.02
CA LEU B 61 -23.60 5.10 4.24
C LEU B 61 -22.27 5.74 4.61
N ALA B 62 -22.35 6.92 5.21
CA ALA B 62 -21.18 7.64 5.70
C ALA B 62 -20.72 7.05 7.02
N GLN B 63 -19.45 7.30 7.34
CA GLN B 63 -18.85 6.86 8.61
C GLN B 63 -18.04 8.00 9.25
N ASP B 64 -18.24 9.22 8.76
CA ASP B 64 -17.51 10.42 9.20
C ASP B 64 -18.46 11.60 9.03
N VAL B 65 -18.34 12.62 9.89
CA VAL B 65 -19.27 13.75 9.85
C VAL B 65 -18.82 14.90 8.93
N GLU B 66 -17.52 14.94 8.61
CA GLU B 66 -16.97 16.06 7.84
C GLU B 66 -17.38 16.09 6.36
N ALA B 67 -17.37 17.27 5.74
CA ALA B 67 -17.65 17.42 4.30
C ALA B 67 -16.50 16.81 3.48
N PRO B 68 -16.75 16.45 2.21
CA PRO B 68 -15.62 15.83 1.49
C PRO B 68 -14.45 16.77 1.20
N ASP B 69 -13.25 16.20 1.24
CA ASP B 69 -12.02 16.92 0.97
C ASP B 69 -11.31 16.15 -0.12
N THR B 70 -11.07 16.78 -1.27
CA THR B 70 -10.44 16.10 -2.42
C THR B 70 -8.91 16.16 -2.41
N SER B 71 -8.31 16.73 -1.37
CA SER B 71 -6.86 16.96 -1.45
C SER B 71 -6.08 15.65 -1.33
N THR B 72 -4.93 15.60 -1.98
CA THR B 72 -4.03 14.46 -1.82
C THR B 72 -2.59 14.92 -1.94
N GLU B 73 -1.67 13.96 -1.92
CA GLU B 73 -0.26 14.26 -2.04
C GLU B 73 0.35 13.21 -2.93
N ILE B 74 1.28 13.64 -3.79
CA ILE B 74 2.07 12.69 -4.57
C ILE B 74 3.50 13.17 -4.64
N LEU B 75 4.42 12.25 -4.34
CA LEU B 75 5.85 12.51 -4.28
C LEU B 75 6.09 13.76 -3.44
N GLY B 76 5.41 13.80 -2.30
CA GLY B 76 5.56 14.86 -1.32
C GLY B 76 4.88 16.17 -1.66
N HIS B 77 4.29 16.29 -2.85
CA HIS B 77 3.60 17.53 -3.22
C HIS B 77 2.10 17.48 -2.97
N LYS B 78 1.58 18.42 -2.16
CA LYS B 78 0.14 18.47 -1.87
C LYS B 78 -0.58 19.11 -3.04
N ILE B 79 -1.62 18.44 -3.52
CA ILE B 79 -2.43 18.95 -4.66
C ILE B 79 -3.91 18.99 -4.29
N LYS B 80 -4.67 19.83 -5.00
CA LYS B 80 -6.04 20.14 -4.64
C LYS B 80 -7.02 18.96 -4.81
N ALA B 81 -6.71 18.07 -5.77
CA ALA B 81 -7.59 16.95 -6.10
C ALA B 81 -6.69 15.88 -6.70
N PRO B 82 -7.14 14.60 -6.71
CA PRO B 82 -6.28 13.50 -7.17
C PRO B 82 -6.17 13.36 -8.69
N PHE B 83 -5.87 14.47 -9.35
CA PHE B 83 -5.61 14.42 -10.79
C PHE B 83 -4.57 15.45 -11.14
N ILE B 84 -3.79 15.12 -12.16
CA ILE B 84 -2.73 15.98 -12.70
C ILE B 84 -2.98 16.19 -14.19
N MET B 85 -2.22 17.09 -14.82
CA MET B 85 -2.32 17.30 -16.26
C MET B 85 -1.40 16.32 -16.99
N ALA B 86 -1.96 15.57 -17.95
CA ALA B 86 -1.15 14.68 -18.80
C ALA B 86 -0.25 15.48 -19.76
N PRO B 87 0.93 14.93 -20.13
CA PRO B 87 1.80 15.58 -21.13
C PRO B 87 1.14 15.44 -22.49
N ILE B 88 0.85 16.58 -23.13
CA ILE B 88 0.22 16.58 -24.43
C ILE B 88 1.00 17.57 -25.30
N ALA B 89 1.33 17.14 -26.52
CA ALA B 89 2.09 17.99 -27.46
C ALA B 89 1.26 19.12 -28.04
N ALA B 90 1.95 20.20 -28.39
CA ALA B 90 1.41 21.19 -29.34
C ALA B 90 0.06 21.79 -28.92
N HIS B 91 0.01 22.43 -27.75
CA HIS B 91 -1.26 23.02 -27.28
C HIS B 91 -1.72 24.19 -28.16
N GLY B 92 -0.79 24.72 -28.95
CA GLY B 92 -1.10 25.81 -29.88
C GLY B 92 -2.10 25.42 -30.95
N LEU B 93 -2.29 24.12 -31.14
CA LEU B 93 -3.33 23.65 -32.03
C LEU B 93 -4.73 23.94 -31.46
N ALA B 94 -4.79 24.08 -30.14
CA ALA B 94 -6.07 24.33 -29.45
C ALA B 94 -6.32 25.80 -29.14
N HIS B 95 -5.26 26.53 -28.81
CA HIS B 95 -5.41 27.93 -28.38
C HIS B 95 -4.10 28.68 -28.57
N THR B 96 -4.20 29.96 -28.93
CA THR B 96 -3.02 30.79 -29.12
C THR B 96 -2.08 30.89 -27.91
N THR B 97 -2.62 30.74 -26.69
CA THR B 97 -1.80 30.82 -25.47
C THR B 97 -1.07 29.50 -25.20
N LYS B 98 -1.43 28.48 -25.97
CA LYS B 98 -0.73 27.18 -25.98
C LYS B 98 -0.43 26.62 -24.59
N GLU B 99 0.75 26.04 -24.40
CA GLU B 99 1.10 25.42 -23.10
C GLU B 99 1.15 26.39 -21.92
N ALA B 100 1.42 27.66 -22.19
CA ALA B 100 1.38 28.68 -21.15
C ALA B 100 -0.03 28.79 -20.56
N GLY B 101 -1.05 28.75 -21.43
CA GLY B 101 -2.44 28.75 -21.03
C GLY B 101 -2.74 27.55 -20.14
N THR B 102 -2.39 26.36 -20.60
CA THR B 102 -2.67 25.16 -19.80
C THR B 102 -1.96 25.23 -18.46
N ALA B 103 -0.70 25.67 -18.48
CA ALA B 103 0.09 25.80 -17.26
C ALA B 103 -0.53 26.77 -16.27
N ARG B 104 -1.07 27.87 -16.80
CA ARG B 104 -1.76 28.83 -15.94
C ARG B 104 -2.97 28.20 -15.24
N ALA B 105 -3.77 27.45 -16.01
CA ALA B 105 -4.98 26.82 -15.46
C ALA B 105 -4.57 25.83 -14.37
N VAL B 106 -3.55 25.04 -14.69
CA VAL B 106 -3.10 24.00 -13.73
C VAL B 106 -2.53 24.56 -12.43
N SER B 107 -1.70 25.58 -12.53
CA SER B 107 -1.14 26.20 -11.35
C SER B 107 -2.20 26.99 -10.57
N GLU B 108 -3.10 27.68 -11.28
CA GLU B 108 -4.18 28.41 -10.59
C GLU B 108 -5.11 27.46 -9.84
N PHE B 109 -5.37 26.29 -10.43
CA PHE B 109 -6.21 25.27 -9.80
C PHE B 109 -5.50 24.66 -8.60
N GLY B 110 -4.22 24.34 -8.76
CA GLY B 110 -3.44 23.74 -7.69
C GLY B 110 -3.11 22.28 -7.90
N THR B 111 -2.66 21.94 -9.10
CA THR B 111 -2.12 20.59 -9.32
C THR B 111 -0.83 20.61 -10.13
N ILE B 112 -0.40 19.46 -10.63
CA ILE B 112 0.90 19.31 -11.28
C ILE B 112 0.76 19.37 -12.80
N MET B 113 1.63 20.16 -13.43
CA MET B 113 1.69 20.30 -14.87
C MET B 113 2.71 19.30 -15.41
N SER B 114 2.31 18.52 -16.41
CA SER B 114 3.23 17.70 -17.18
C SER B 114 3.54 18.40 -18.51
N ILE B 115 4.83 18.56 -18.79
CA ILE B 115 5.30 19.29 -19.97
C ILE B 115 5.78 18.26 -20.99
N SER B 116 5.11 18.26 -22.14
CA SER B 116 5.42 17.36 -23.24
C SER B 116 6.82 17.62 -23.82
N ALA B 117 7.43 16.58 -24.37
CA ALA B 117 8.66 16.73 -25.15
C ALA B 117 8.45 17.64 -26.37
N TYR B 118 7.23 17.62 -26.92
CA TYR B 118 6.93 18.37 -28.13
C TYR B 118 6.04 19.58 -27.85
N SER B 119 6.45 20.37 -26.87
CA SER B 119 5.73 21.59 -26.53
C SER B 119 6.03 22.67 -27.57
N GLY B 120 5.01 23.43 -27.93
CA GLY B 120 5.16 24.54 -28.89
C GLY B 120 5.46 25.88 -28.25
N ALA B 121 5.38 25.94 -26.92
CA ALA B 121 5.78 27.12 -26.17
C ALA B 121 7.21 26.92 -25.68
N THR B 122 7.93 28.02 -25.47
CA THR B 122 9.26 27.96 -24.88
C THR B 122 9.12 27.68 -23.39
N PHE B 123 10.20 27.23 -22.74
CA PHE B 123 10.15 27.06 -21.30
C PHE B 123 9.84 28.37 -20.55
N GLU B 124 10.46 29.47 -21.00
CA GLU B 124 10.18 30.80 -20.42
C GLU B 124 8.68 31.11 -20.47
N GLU B 125 8.04 30.80 -21.59
CA GLU B 125 6.60 31.02 -21.74
C GLU B 125 5.77 30.16 -20.79
N ILE B 126 6.15 28.89 -20.66
CA ILE B 126 5.47 27.96 -19.75
C ILE B 126 5.72 28.35 -18.28
N SER B 127 6.98 28.66 -17.97
CA SER B 127 7.39 29.09 -16.63
C SER B 127 6.58 30.28 -16.12
N GLU B 128 6.34 31.24 -17.00
CA GLU B 128 5.51 32.41 -16.71
C GLU B 128 4.10 32.00 -16.29
N GLY B 129 3.48 31.12 -17.09
CA GLY B 129 2.17 30.56 -16.77
C GLY B 129 2.14 29.74 -15.48
N LEU B 130 3.19 28.98 -15.21
CA LEU B 130 3.26 28.18 -13.98
C LEU B 130 3.38 29.01 -12.70
N ASN B 131 4.11 30.11 -12.78
CA ASN B 131 4.35 30.97 -11.62
C ASN B 131 4.78 30.18 -10.38
N GLY B 132 5.75 29.30 -10.59
CA GLY B 132 6.36 28.54 -9.51
C GLY B 132 5.68 27.22 -9.20
N GLY B 133 4.55 26.95 -9.87
CA GLY B 133 3.79 25.71 -9.65
C GLY B 133 4.60 24.50 -10.07
N PRO B 134 4.29 23.31 -9.49
CA PRO B 134 5.06 22.11 -9.78
C PRO B 134 4.90 21.65 -11.23
N ARG B 135 5.99 21.12 -11.77
CA ARG B 135 5.97 20.60 -13.13
C ARG B 135 6.82 19.35 -13.25
N TRP B 136 6.36 18.43 -14.10
CA TRP B 136 7.08 17.22 -14.45
C TRP B 136 7.38 17.29 -15.93
N PHE B 137 8.53 16.76 -16.34
CA PHE B 137 8.96 16.83 -17.74
C PHE B 137 8.82 15.47 -18.38
N GLN B 138 8.09 15.42 -19.48
CA GLN B 138 7.97 14.18 -20.24
C GLN B 138 9.02 14.13 -21.32
N ILE B 139 9.72 13.00 -21.41
CA ILE B 139 10.74 12.83 -22.42
C ILE B 139 10.50 11.54 -23.21
N TYR B 140 11.07 11.50 -24.42
CA TYR B 140 11.21 10.24 -25.15
C TYR B 140 12.66 9.80 -25.02
N MET B 141 12.92 8.50 -25.19
CA MET B 141 14.29 8.01 -25.12
C MET B 141 15.03 8.38 -26.39
N ALA B 142 16.04 9.24 -26.27
CA ALA B 142 16.88 9.57 -27.41
C ALA B 142 17.84 8.42 -27.72
N LYS B 143 18.17 8.25 -28.99
CA LYS B 143 19.17 7.26 -29.38
C LYS B 143 20.57 7.68 -28.94
N ASP B 144 20.80 8.99 -28.91
CA ASP B 144 22.06 9.58 -28.43
C ASP B 144 22.04 9.75 -26.91
N ASP B 145 22.95 9.06 -26.24
CA ASP B 145 23.06 9.14 -24.77
C ASP B 145 23.30 10.56 -24.25
N GLN B 146 24.05 11.36 -25.00
CA GLN B 146 24.35 12.74 -24.60
C GLN B 146 23.12 13.64 -24.63
N GLN B 147 22.27 13.46 -25.65
CA GLN B 147 20.98 14.15 -25.71
C GLN B 147 20.08 13.81 -24.50
N ASN B 148 20.13 12.56 -24.04
CA ASN B 148 19.40 12.16 -22.85
C ASN B 148 19.94 12.85 -21.60
N ARG B 149 21.28 12.87 -21.47
CA ARG B 149 21.93 13.53 -20.34
C ARG B 149 21.60 15.03 -20.31
N ASP B 150 21.56 15.65 -21.49
CA ASP B 150 21.26 17.08 -21.62
C ASP B 150 19.82 17.45 -21.28
N ILE B 151 18.87 16.66 -21.81
CA ILE B 151 17.45 16.86 -21.49
C ILE B 151 17.18 16.67 -19.99
N LEU B 152 17.84 15.70 -19.37
CA LEU B 152 17.69 15.43 -17.94
C LEU B 152 18.27 16.54 -17.06
N ASP B 153 19.40 17.10 -17.51
CA ASP B 153 20.01 18.24 -16.84
C ASP B 153 19.11 19.46 -16.96
N GLU B 154 18.64 19.72 -18.18
CA GLU B 154 17.72 20.82 -18.48
C GLU B 154 16.44 20.76 -17.66
N ALA B 155 15.83 19.56 -17.59
CA ALA B 155 14.62 19.35 -16.82
C ALA B 155 14.86 19.71 -15.35
N LYS B 156 15.94 19.18 -14.77
CA LYS B 156 16.27 19.44 -13.38
C LYS B 156 16.51 20.93 -13.11
N SER B 157 17.24 21.59 -14.02
CA SER B 157 17.49 23.03 -13.91
C SER B 157 16.23 23.87 -14.08
N ASP B 158 15.29 23.38 -14.88
CA ASP B 158 13.99 24.02 -15.11
C ASP B 158 13.01 23.77 -13.97
N GLY B 159 13.49 23.14 -12.89
CA GLY B 159 12.70 22.93 -11.69
C GLY B 159 11.75 21.74 -11.76
N ALA B 160 11.95 20.87 -12.75
CA ALA B 160 11.17 19.62 -12.83
C ALA B 160 11.39 18.82 -11.56
N THR B 161 10.31 18.22 -11.05
CA THR B 161 10.43 17.35 -9.87
C THR B 161 10.17 15.87 -10.15
N ALA B 162 9.91 15.56 -11.41
CA ALA B 162 9.84 14.17 -11.89
C ALA B 162 10.05 14.16 -13.37
N ILE B 163 10.45 13.00 -13.88
CA ILE B 163 10.60 12.77 -15.32
C ILE B 163 9.56 11.70 -15.70
N ILE B 164 8.88 11.93 -16.82
CA ILE B 164 7.92 10.98 -17.38
C ILE B 164 8.57 10.40 -18.65
N LEU B 165 9.03 9.16 -18.57
CA LEU B 165 9.62 8.50 -19.73
C LEU B 165 8.52 7.77 -20.46
N THR B 166 8.14 8.28 -21.63
CA THR B 166 7.05 7.67 -22.40
C THR B 166 7.61 6.50 -23.20
N ALA B 167 7.00 5.34 -23.00
CA ALA B 167 7.51 4.06 -23.53
C ALA B 167 7.44 3.93 -25.05
N ASP B 168 6.49 4.63 -25.66
CA ASP B 168 6.30 4.60 -27.11
C ASP B 168 6.52 6.01 -27.66
N SER B 169 7.47 6.15 -28.58
CA SER B 169 7.61 7.43 -29.30
C SER B 169 6.57 7.51 -30.41
N SER B 212 14.27 9.66 -31.79
CA SER B 212 13.90 8.92 -30.57
C SER B 212 13.74 7.43 -30.85
N LYS B 213 13.93 6.62 -29.81
CA LYS B 213 13.63 5.19 -29.89
C LYS B 213 12.12 5.03 -29.95
N GLN B 214 11.65 4.18 -30.85
CA GLN B 214 10.19 3.97 -31.00
C GLN B 214 9.59 3.11 -29.89
N LYS B 215 10.45 2.34 -29.23
CA LYS B 215 10.05 1.51 -28.09
C LYS B 215 11.21 1.49 -27.09
N ILE B 216 10.89 1.54 -25.80
CA ILE B 216 11.94 1.48 -24.76
C ILE B 216 12.07 0.07 -24.16
N SER B 217 13.24 -0.20 -23.60
CA SER B 217 13.54 -1.46 -22.94
C SER B 217 13.83 -1.20 -21.47
N PRO B 218 13.83 -2.27 -20.63
CA PRO B 218 14.31 -2.15 -19.26
C PRO B 218 15.67 -1.45 -19.14
N ARG B 219 16.59 -1.79 -20.05
CA ARG B 219 17.89 -1.16 -20.13
C ARG B 219 17.79 0.36 -20.23
N ASP B 220 16.92 0.84 -21.11
CA ASP B 220 16.68 2.28 -21.30
C ASP B 220 16.18 2.91 -20.00
N ILE B 221 15.22 2.24 -19.36
CA ILE B 221 14.68 2.75 -18.09
C ILE B 221 15.78 2.90 -17.04
N GLU B 222 16.64 1.89 -16.97
CA GLU B 222 17.75 1.88 -16.04
C GLU B 222 18.71 3.04 -16.30
N GLU B 223 19.01 3.30 -17.57
CA GLU B 223 19.90 4.39 -17.97
C GLU B 223 19.34 5.75 -17.55
N ILE B 224 18.06 5.98 -17.83
CA ILE B 224 17.40 7.23 -17.44
C ILE B 224 17.31 7.41 -15.91
N ALA B 225 16.85 6.36 -15.22
CA ALA B 225 16.74 6.41 -13.75
C ALA B 225 18.09 6.65 -13.06
N GLY B 226 19.15 6.08 -13.62
CA GLY B 226 20.49 6.20 -13.06
C GLY B 226 21.08 7.60 -13.20
N HIS B 227 20.63 8.33 -14.22
CA HIS B 227 21.23 9.64 -14.52
C HIS B 227 20.34 10.87 -14.30
N SER B 228 19.09 10.66 -13.91
CA SER B 228 18.14 11.78 -13.85
C SER B 228 18.19 12.66 -12.61
N GLY B 229 18.54 12.09 -11.46
CA GLY B 229 18.47 12.80 -10.19
C GLY B 229 17.05 13.11 -9.72
N LEU B 230 16.07 12.57 -10.44
CA LEU B 230 14.65 12.80 -10.16
C LEU B 230 13.91 11.46 -10.29
N PRO B 231 12.77 11.31 -9.59
CA PRO B 231 11.94 10.11 -9.81
C PRO B 231 11.47 10.02 -11.25
N VAL B 232 11.59 8.83 -11.83
CA VAL B 232 11.18 8.58 -13.23
C VAL B 232 9.93 7.72 -13.24
N PHE B 233 8.86 8.25 -13.86
CA PHE B 233 7.67 7.47 -14.17
C PHE B 233 7.83 6.86 -15.54
N VAL B 234 7.45 5.61 -15.68
CA VAL B 234 7.40 4.99 -16.99
C VAL B 234 5.95 4.99 -17.46
N LYS B 235 5.69 5.71 -18.56
CA LYS B 235 4.33 5.94 -19.06
C LYS B 235 4.00 5.08 -20.28
N GLY B 236 2.81 4.48 -20.28
CA GLY B 236 2.36 3.63 -21.37
C GLY B 236 2.28 2.17 -21.01
N ILE B 237 2.47 1.89 -19.73
CA ILE B 237 2.36 0.52 -19.19
C ILE B 237 0.90 0.03 -19.24
N GLN B 238 0.71 -1.16 -19.79
CA GLN B 238 -0.59 -1.83 -19.83
C GLN B 238 -0.53 -3.30 -19.34
N HIS B 239 0.68 -3.81 -19.19
CA HIS B 239 0.88 -5.21 -18.79
C HIS B 239 1.63 -5.27 -17.47
N PRO B 240 1.14 -6.07 -16.51
CA PRO B 240 1.76 -6.16 -15.17
C PRO B 240 3.24 -6.58 -15.17
N GLU B 241 3.65 -7.48 -16.08
CA GLU B 241 5.08 -7.85 -16.11
C GLU B 241 5.94 -6.66 -16.52
N ASP B 242 5.46 -5.82 -17.43
CA ASP B 242 6.20 -4.59 -17.71
C ASP B 242 6.35 -3.65 -16.50
N ALA B 243 5.32 -3.58 -15.66
CA ALA B 243 5.36 -2.77 -14.43
C ALA B 243 6.48 -3.31 -13.52
N ASP B 244 6.51 -4.63 -13.35
CA ASP B 244 7.53 -5.23 -12.50
C ASP B 244 8.94 -4.97 -13.06
N MET B 245 9.12 -5.21 -14.35
CA MET B 245 10.43 -4.99 -14.99
C MET B 245 10.87 -3.52 -14.85
N ALA B 246 9.92 -2.60 -15.01
CA ALA B 246 10.24 -1.19 -14.94
C ALA B 246 10.71 -0.78 -13.55
N ILE B 247 10.02 -1.28 -12.53
CA ILE B 247 10.38 -0.96 -11.16
C ILE B 247 11.74 -1.55 -10.85
N LYS B 248 11.99 -2.77 -11.32
CA LYS B 248 13.28 -3.44 -11.05
C LYS B 248 14.43 -2.70 -11.75
N ARG B 249 14.11 -2.00 -12.84
CA ARG B 249 15.07 -1.26 -13.65
C ARG B 249 15.31 0.14 -13.09
N GLY B 250 14.50 0.53 -12.12
CA GLY B 250 14.72 1.76 -11.37
C GLY B 250 13.65 2.82 -11.47
N ALA B 251 12.52 2.50 -12.11
CA ALA B 251 11.41 3.45 -12.16
C ALA B 251 10.92 3.75 -10.75
N SER B 252 10.57 5.02 -10.50
CA SER B 252 10.01 5.48 -9.22
C SER B 252 8.50 5.68 -9.28
N GLY B 253 7.90 5.30 -10.40
CA GLY B 253 6.45 5.42 -10.62
C GLY B 253 6.04 4.67 -11.89
N ILE B 254 4.78 4.24 -11.92
CA ILE B 254 4.22 3.56 -13.08
C ILE B 254 3.04 4.38 -13.54
N TRP B 255 3.02 4.72 -14.83
CA TRP B 255 1.97 5.56 -15.38
C TRP B 255 1.24 4.70 -16.42
N VAL B 256 0.11 4.15 -15.98
CA VAL B 256 -0.76 3.26 -16.73
C VAL B 256 -1.48 4.08 -17.77
N SER B 257 -1.29 3.73 -19.04
CA SER B 257 -1.77 4.57 -20.13
C SER B 257 -1.68 3.81 -21.44
N ASN B 258 -2.63 4.12 -22.33
CA ASN B 258 -2.43 3.76 -23.72
C ASN B 258 -2.41 5.04 -24.57
N HIS B 259 -2.01 6.14 -23.95
CA HIS B 259 -1.87 7.44 -24.64
C HIS B 259 -3.17 7.87 -25.31
N GLY B 260 -4.28 7.66 -24.62
CA GLY B 260 -5.59 8.05 -25.14
C GLY B 260 -5.94 7.33 -26.42
N ALA B 261 -5.51 6.07 -26.53
CA ALA B 261 -5.80 5.20 -27.67
C ALA B 261 -5.11 5.65 -28.98
N ARG B 262 -4.04 6.44 -28.85
CA ARG B 262 -3.39 7.02 -30.03
C ARG B 262 -2.27 6.15 -30.57
N GLN B 263 -1.97 5.07 -29.87
CA GLN B 263 -0.89 4.16 -30.27
C GLN B 263 -1.48 2.80 -30.70
N LEU B 264 -1.29 1.76 -29.89
CA LEU B 264 -1.71 0.44 -30.35
C LEU B 264 -3.21 0.28 -30.48
N TYR B 265 -3.66 -0.20 -31.64
CA TYR B 265 -5.08 -0.45 -31.95
C TYR B 265 -5.47 -1.89 -31.56
N GLU B 266 -6.75 -2.12 -31.27
CA GLU B 266 -7.25 -3.46 -30.90
C GLU B 266 -6.62 -4.03 -29.63
N ALA B 267 -6.44 -3.10 -28.71
CA ALA B 267 -5.90 -3.28 -27.36
C ALA B 267 -7.04 -3.02 -26.36
N PRO B 268 -6.88 -3.45 -25.10
CA PRO B 268 -7.93 -3.20 -24.11
C PRO B 268 -8.12 -1.73 -23.75
N GLY B 269 -9.32 -1.40 -23.27
CA GLY B 269 -9.53 -0.12 -22.60
C GLY B 269 -8.59 0.00 -21.42
N SER B 270 -7.96 1.17 -21.27
CA SER B 270 -6.92 1.35 -20.25
C SER B 270 -7.37 0.95 -18.84
N PHE B 271 -8.59 1.38 -18.47
CA PHE B 271 -9.08 1.06 -17.11
C PHE B 271 -9.14 -0.44 -16.87
N ASP B 272 -9.41 -1.25 -17.89
CA ASP B 272 -9.46 -2.73 -17.65
C ASP B 272 -8.11 -3.31 -17.27
N THR B 273 -7.03 -2.59 -17.62
CA THR B 273 -5.67 -3.10 -17.33
C THR B 273 -5.17 -2.71 -15.93
N LEU B 274 -5.88 -1.78 -15.30
CA LEU B 274 -5.35 -1.16 -14.08
C LEU B 274 -5.24 -2.13 -12.90
N PRO B 275 -6.31 -2.87 -12.57
CA PRO B 275 -6.18 -3.71 -11.35
C PRO B 275 -5.01 -4.71 -11.39
N ALA B 276 -4.78 -5.36 -12.54
CA ALA B 276 -3.68 -6.34 -12.65
C ALA B 276 -2.34 -5.67 -12.41
N ILE B 277 -2.18 -4.46 -12.93
CA ILE B 277 -0.96 -3.71 -12.72
C ILE B 277 -0.82 -3.31 -11.25
N ALA B 278 -1.90 -2.79 -10.66
CA ALA B 278 -1.87 -2.36 -9.27
C ALA B 278 -1.52 -3.52 -8.34
N GLU B 279 -2.07 -4.70 -8.64
CA GLU B 279 -1.79 -5.85 -7.77
C GLU B 279 -0.32 -6.30 -7.87
N ARG B 280 0.28 -6.12 -9.04
CA ARG B 280 1.69 -6.45 -9.25
C ARG B 280 2.62 -5.38 -8.69
N VAL B 281 2.27 -4.11 -8.87
CA VAL B 281 3.05 -3.02 -8.27
C VAL B 281 3.02 -3.15 -6.75
N ASN B 282 1.85 -3.46 -6.20
CA ASN B 282 1.71 -3.76 -4.76
C ASN B 282 2.38 -2.69 -3.90
N LYS B 283 2.06 -1.42 -4.18
CA LYS B 283 2.48 -0.27 -3.36
C LYS B 283 3.95 0.15 -3.52
N ARG B 284 4.69 -0.56 -4.37
CA ARG B 284 6.12 -0.28 -4.48
C ARG B 284 6.42 1.15 -4.90
N VAL B 285 5.60 1.69 -5.81
CA VAL B 285 5.80 3.04 -6.32
C VAL B 285 4.41 3.60 -6.63
N PRO B 286 4.29 4.95 -6.69
CA PRO B 286 3.00 5.52 -7.06
C PRO B 286 2.56 5.18 -8.47
N ILE B 287 1.24 5.11 -8.62
CA ILE B 287 0.63 4.82 -9.91
C ILE B 287 -0.17 6.04 -10.36
N VAL B 288 0.14 6.50 -11.57
CA VAL B 288 -0.68 7.48 -12.28
C VAL B 288 -1.49 6.69 -13.29
N PHE B 289 -2.78 6.94 -13.37
CA PHE B 289 -3.61 6.29 -14.38
C PHE B 289 -4.15 7.31 -15.38
N ASP B 290 -4.12 6.99 -16.67
CA ASP B 290 -4.90 7.81 -17.63
C ASP B 290 -5.43 6.98 -18.80
N SER B 291 -6.14 7.70 -19.68
CA SER B 291 -6.68 7.26 -20.96
C SER B 291 -8.16 7.00 -20.81
N GLY B 292 -8.95 8.06 -20.96
CA GLY B 292 -10.39 7.95 -20.94
C GLY B 292 -11.12 8.59 -19.77
N VAL B 293 -10.39 9.25 -18.85
CA VAL B 293 -11.07 9.91 -17.70
C VAL B 293 -11.94 11.07 -18.18
N ARG B 294 -13.25 10.97 -17.95
CA ARG B 294 -14.20 12.02 -18.40
C ARG B 294 -15.12 12.54 -17.31
N ARG B 295 -15.22 11.80 -16.19
CA ARG B 295 -16.17 12.10 -15.12
C ARG B 295 -15.54 11.94 -13.76
N GLY B 296 -16.11 12.59 -12.75
CA GLY B 296 -15.68 12.36 -11.38
C GLY B 296 -15.76 10.89 -11.00
N GLU B 297 -16.77 10.18 -11.51
CA GLU B 297 -16.91 8.72 -11.19
C GLU B 297 -15.67 7.95 -11.64
N HIS B 298 -15.06 8.40 -12.73
CA HIS B 298 -13.89 7.74 -13.31
C HIS B 298 -12.69 7.94 -12.40
N VAL B 299 -12.54 9.15 -11.86
CA VAL B 299 -11.48 9.41 -10.91
C VAL B 299 -11.64 8.48 -9.70
N ALA B 300 -12.86 8.38 -9.17
CA ALA B 300 -13.12 7.52 -8.01
C ALA B 300 -12.81 6.07 -8.33
N LYS B 301 -13.27 5.61 -9.48
CA LYS B 301 -13.05 4.20 -9.86
C LYS B 301 -11.56 3.89 -10.03
N ALA B 302 -10.78 4.81 -10.59
CA ALA B 302 -9.34 4.62 -10.75
C ALA B 302 -8.66 4.50 -9.38
N LEU B 303 -9.03 5.39 -8.46
CA LEU B 303 -8.48 5.33 -7.09
C LEU B 303 -8.84 4.03 -6.41
N ALA B 304 -10.11 3.64 -6.51
CA ALA B 304 -10.56 2.38 -5.88
C ALA B 304 -9.82 1.14 -6.44
N SER B 305 -9.27 1.30 -7.64
CA SER B 305 -8.65 0.20 -8.41
C SER B 305 -7.11 0.25 -8.34
N GLY B 306 -6.58 1.18 -7.55
CA GLY B 306 -5.14 1.19 -7.28
C GLY B 306 -4.32 2.36 -7.77
N ALA B 307 -4.95 3.28 -8.53
CA ALA B 307 -4.23 4.50 -8.90
C ALA B 307 -4.08 5.44 -7.72
N ASP B 308 -2.97 6.19 -7.66
CA ASP B 308 -2.83 7.26 -6.66
C ASP B 308 -3.45 8.57 -7.13
N VAL B 309 -3.24 8.86 -8.40
CA VAL B 309 -3.91 9.98 -9.05
C VAL B 309 -4.23 9.56 -10.48
N VAL B 310 -5.09 10.32 -11.14
CA VAL B 310 -5.25 10.14 -12.58
C VAL B 310 -4.67 11.33 -13.33
N ALA B 311 -4.46 11.18 -14.65
CA ALA B 311 -4.09 12.35 -15.46
C ALA B 311 -5.18 12.66 -16.45
N LEU B 312 -5.43 13.96 -16.64
CA LEU B 312 -6.43 14.44 -17.58
C LEU B 312 -5.77 14.92 -18.85
N GLY B 313 -6.47 14.73 -19.97
CA GLY B 313 -5.89 15.03 -21.26
C GLY B 313 -6.86 15.82 -22.12
N ARG B 314 -7.50 15.13 -23.05
CA ARG B 314 -8.37 15.78 -24.04
C ARG B 314 -9.37 16.81 -23.46
N PRO B 315 -10.10 16.47 -22.37
CA PRO B 315 -11.10 17.43 -21.84
C PRO B 315 -10.46 18.76 -21.49
N VAL B 316 -9.24 18.74 -20.95
CA VAL B 316 -8.57 19.99 -20.57
C VAL B 316 -8.22 20.78 -21.83
N LEU B 317 -7.72 20.10 -22.85
CA LEU B 317 -7.41 20.74 -24.14
C LEU B 317 -8.64 21.31 -24.80
N PHE B 318 -9.75 20.59 -24.73
CA PHE B 318 -11.01 21.12 -25.27
C PHE B 318 -11.42 22.40 -24.50
N GLY B 319 -11.28 22.39 -23.17
CA GLY B 319 -11.54 23.58 -22.38
C GLY B 319 -10.63 24.74 -22.78
N LEU B 320 -9.35 24.42 -23.04
CA LEU B 320 -8.41 25.43 -23.51
C LEU B 320 -8.86 26.03 -24.83
N ALA B 321 -9.29 25.18 -25.76
CA ALA B 321 -9.75 25.69 -27.06
C ALA B 321 -10.91 26.67 -26.85
N LEU B 322 -11.80 26.33 -25.92
CA LEU B 322 -13.03 27.11 -25.71
C LEU B 322 -12.83 28.38 -24.89
N GLY B 323 -11.81 28.42 -24.02
CA GLY B 323 -11.66 29.62 -23.18
C GLY B 323 -10.26 29.92 -22.67
N GLY B 324 -9.23 29.41 -23.32
CA GLY B 324 -7.89 29.68 -22.87
C GLY B 324 -7.71 29.12 -21.47
N TRP B 325 -6.86 29.75 -20.68
CA TRP B 325 -6.58 29.19 -19.34
C TRP B 325 -7.82 29.10 -18.47
N GLN B 326 -8.73 30.08 -18.59
CA GLN B 326 -9.97 30.05 -17.80
C GLN B 326 -10.89 28.92 -18.23
N GLY B 327 -10.89 28.60 -19.52
CA GLY B 327 -11.63 27.45 -20.03
C GLY B 327 -11.07 26.13 -19.51
N ALA B 328 -9.75 25.99 -19.60
CA ALA B 328 -9.06 24.81 -19.06
C ALA B 328 -9.31 24.72 -17.56
N TYR B 329 -9.20 25.86 -16.85
CA TYR B 329 -9.50 25.90 -15.41
C TYR B 329 -10.92 25.36 -15.12
N SER B 330 -11.88 25.79 -15.93
CA SER B 330 -13.27 25.37 -15.78
C SER B 330 -13.41 23.84 -15.78
N VAL B 331 -12.60 23.19 -16.61
CA VAL B 331 -12.64 21.73 -16.71
C VAL B 331 -12.07 21.12 -15.43
N LEU B 332 -10.95 21.66 -14.96
CA LEU B 332 -10.36 21.14 -13.70
C LEU B 332 -11.34 21.33 -12.55
N ASP B 333 -11.98 22.49 -12.51
CA ASP B 333 -12.98 22.81 -11.49
C ASP B 333 -14.19 21.84 -11.56
N TYR B 334 -14.68 21.59 -12.78
CA TYR B 334 -15.71 20.56 -13.00
C TYR B 334 -15.32 19.22 -12.37
N PHE B 335 -14.12 18.72 -12.67
CA PHE B 335 -13.71 17.42 -12.15
C PHE B 335 -13.66 17.44 -10.64
N GLN B 336 -13.17 18.55 -10.07
CA GLN B 336 -13.10 18.63 -8.61
C GLN B 336 -14.49 18.62 -7.96
N LYS B 337 -15.42 19.39 -8.53
CA LYS B 337 -16.77 19.50 -7.98
C LYS B 337 -17.56 18.18 -8.18
N ASP B 338 -17.38 17.56 -9.33
CA ASP B 338 -18.06 16.31 -9.63
C ASP B 338 -17.54 15.21 -8.70
N LEU B 339 -16.23 15.20 -8.50
CA LEU B 339 -15.64 14.21 -7.58
C LEU B 339 -16.21 14.40 -6.16
N THR B 340 -16.38 15.65 -5.75
CA THR B 340 -16.94 15.94 -4.42
C THR B 340 -18.32 15.30 -4.28
N ARG B 341 -19.15 15.43 -5.30
CA ARG B 341 -20.49 14.83 -5.31
C ARG B 341 -20.40 13.31 -5.19
N VAL B 342 -19.49 12.73 -5.96
CA VAL B 342 -19.31 11.27 -5.94
C VAL B 342 -18.87 10.79 -4.56
N MET B 343 -17.98 11.56 -3.93
CA MET B 343 -17.56 11.24 -2.57
C MET B 343 -18.74 11.25 -1.60
N GLN B 344 -19.60 12.25 -1.69
CA GLN B 344 -20.77 12.31 -0.82
C GLN B 344 -21.61 11.05 -0.99
N LEU B 345 -21.84 10.66 -2.23
CA LEU B 345 -22.77 9.58 -2.53
C LEU B 345 -22.19 8.21 -2.17
N THR B 346 -20.87 8.09 -2.21
CA THR B 346 -20.20 6.82 -1.89
C THR B 346 -19.83 6.73 -0.42
N GLY B 347 -20.17 7.75 0.36
CA GLY B 347 -19.82 7.77 1.79
C GLY B 347 -18.35 8.04 2.07
N SER B 348 -17.69 8.75 1.15
CA SER B 348 -16.25 9.02 1.22
C SER B 348 -15.97 10.43 1.70
N GLN B 349 -15.21 10.57 2.78
CA GLN B 349 -14.88 11.90 3.30
C GLN B 349 -13.61 12.47 2.67
N ASN B 350 -12.74 11.59 2.18
CA ASN B 350 -11.43 11.99 1.69
C ASN B 350 -10.94 11.04 0.59
N VAL B 351 -9.81 11.38 -0.01
CA VAL B 351 -9.27 10.61 -1.13
C VAL B 351 -8.89 9.18 -0.68
N GLU B 352 -8.40 9.04 0.55
CA GLU B 352 -8.10 7.71 1.05
C GLU B 352 -9.33 6.79 1.08
N ASP B 353 -10.46 7.31 1.57
CA ASP B 353 -11.73 6.58 1.52
C ASP B 353 -12.04 6.10 0.09
N LEU B 354 -11.80 6.94 -0.92
CA LEU B 354 -12.00 6.50 -2.30
C LEU B 354 -11.17 5.27 -2.67
N LYS B 355 -9.95 5.20 -2.12
CA LYS B 355 -9.06 4.08 -2.43
C LYS B 355 -9.62 2.79 -1.84
N GLY B 356 -10.46 2.94 -0.81
CA GLY B 356 -11.09 1.77 -0.20
C GLY B 356 -12.44 1.33 -0.73
N LEU B 357 -12.95 1.96 -1.79
CA LEU B 357 -14.29 1.56 -2.23
C LEU B 357 -14.35 0.16 -2.80
N ASP B 358 -15.48 -0.52 -2.55
CA ASP B 358 -15.86 -1.75 -3.24
C ASP B 358 -16.53 -1.40 -4.55
N LEU B 359 -16.17 -2.10 -5.61
CA LEU B 359 -16.86 -1.89 -6.92
C LEU B 359 -17.73 -3.09 -7.29
N PHE B 360 -18.83 -2.81 -7.95
CA PHE B 360 -19.75 -3.85 -8.43
C PHE B 360 -19.21 -4.36 -9.77
N ASP B 361 -18.98 -5.66 -9.89
CA ASP B 361 -18.51 -6.22 -11.17
C ASP B 361 -19.68 -6.37 -12.13
N ASN B 362 -19.61 -5.67 -13.28
CA ASN B 362 -20.65 -5.75 -14.30
C ASN B 362 -20.21 -6.63 -15.47
N PRO B 363 -20.61 -7.90 -15.48
CA PRO B 363 -20.16 -8.83 -16.53
C PRO B 363 -20.84 -8.61 -17.87
N TYR B 364 -21.90 -7.82 -17.87
CA TYR B 364 -22.66 -7.53 -19.08
C TYR B 364 -22.04 -6.48 -19.95
N GLY B 365 -21.20 -5.63 -19.37
CA GLY B 365 -20.54 -4.57 -20.15
C GLY B 365 -21.50 -3.44 -20.48
N TYR B 366 -21.25 -2.77 -21.61
CA TYR B 366 -21.88 -1.48 -21.89
C TYR B 366 -23.37 -1.53 -22.11
N GLU B 367 -23.84 -2.54 -22.85
CA GLU B 367 -25.26 -2.62 -23.22
C GLU B 367 -26.10 -3.14 -22.07
N TYR B 368 -25.43 -3.66 -21.04
CA TYR B 368 -26.09 -4.13 -19.80
C TYR B 368 -27.13 -5.20 -20.08
N1 FMN C . -2.01 -11.92 20.87
C2 FMN C . -2.33 -10.74 21.48
O2 FMN C . -2.74 -9.76 20.83
N3 FMN C . -2.18 -10.62 22.84
C4 FMN C . -1.75 -11.70 23.60
O4 FMN C . -1.35 -11.45 24.75
C4A FMN C . -1.40 -12.89 22.97
N5 FMN C . -0.94 -13.99 23.70
C5A FMN C . -0.59 -15.16 23.03
C6 FMN C . -0.10 -16.25 23.76
C7 FMN C . 0.26 -17.41 23.08
C7M FMN C . 0.99 -18.48 23.84
C8 FMN C . 0.14 -17.49 21.69
C8M FMN C . 0.90 -18.54 20.91
C9 FMN C . -0.36 -16.41 20.97
C9A FMN C . -0.72 -15.25 21.63
N10 FMN C . -1.21 -14.15 20.93
C10 FMN C . -1.53 -12.99 21.59
C1' FMN C . -1.39 -14.20 19.43
C2' FMN C . -0.10 -13.71 18.75
O2' FMN C . 0.06 -12.31 18.83
C3' FMN C . -0.03 -14.12 17.29
O3' FMN C . -1.16 -13.57 16.62
C4' FMN C . 0.07 -15.61 17.04
O4' FMN C . 1.07 -16.20 17.88
C5' FMN C . 0.46 -15.91 15.59
O5' FMN C . 0.25 -17.28 15.30
P FMN C . 1.50 -18.29 15.15
O1P FMN C . 2.26 -18.00 13.87
O2P FMN C . 2.37 -18.03 16.38
O3P FMN C . 0.94 -19.67 15.11
C LAC D . -3.86 -16.02 24.90
CA LAC D . -4.37 -14.90 25.77
CB LAC D . -3.25 -13.95 26.13
O LAC D . -3.28 -16.97 25.46
OHN LAC D . -5.38 -14.17 25.08
OXT LAC D . -4.05 -15.97 23.66
O1 PEO E . -5.06 -14.33 21.71
O2 PEO E . -5.41 -12.90 21.57
N1 FMN F . 1.63 11.63 -24.27
C2 FMN F . 2.96 11.82 -24.12
O2 FMN F . 3.56 11.15 -23.30
N3 FMN F . 3.62 12.80 -24.85
C4 FMN F . 2.94 13.56 -25.76
O4 FMN F . 3.51 14.56 -26.22
C4A FMN F . 1.58 13.37 -25.93
N5 FMN F . 0.86 14.13 -26.84
C5A FMN F . -0.51 13.97 -26.96
C6 FMN F . -1.23 14.75 -27.87
C7 FMN F . -2.61 14.60 -28.00
C7M FMN F . -3.39 15.69 -28.71
C8 FMN F . -3.28 13.66 -27.22
C8M FMN F . -4.75 13.79 -26.95
C9 FMN F . -2.55 12.87 -26.32
C9A FMN F . -1.17 13.01 -26.18
N10 FMN F . -0.45 12.22 -25.29
C10 FMN F . 0.92 12.40 -25.16
C1' FMN F . -1.15 11.22 -24.40
C2' FMN F . -1.55 11.92 -23.09
O2' FMN F . -0.43 12.10 -22.22
C3' FMN F . -2.59 11.06 -22.34
O3' FMN F . -2.07 9.75 -22.12
C4' FMN F . -3.95 11.02 -23.02
O4' FMN F . -4.39 12.30 -23.46
C5' FMN F . -5.00 10.43 -22.07
O5' FMN F . -6.19 10.09 -22.74
P FMN F . -7.51 11.02 -22.70
O1P FMN F . -8.18 10.83 -21.35
O2P FMN F . -6.99 12.40 -22.96
O3P FMN F . -8.44 10.50 -23.75
C LAC G . 0.80 12.29 -30.07
CA LAC G . 2.30 12.35 -29.90
CB LAC G . 2.85 13.77 -30.09
O LAC G . 0.22 13.13 -30.78
OHN LAC G . 2.65 11.90 -28.59
OXT LAC G . 0.19 11.38 -29.47
O1 PEO H . 2.07 9.32 -26.62
O2 PEO H . 1.15 9.85 -27.63
#